data_8GPX
#
_entry.id   8GPX
#
_cell.length_a   102.874
_cell.length_b   102.874
_cell.length_c   178.663
_cell.angle_alpha   90.000
_cell.angle_beta   90.000
_cell.angle_gamma   120.000
#
_symmetry.space_group_name_H-M   'P 3 2 1'
#
loop_
_entity.id
_entity.type
_entity.pdbx_description
1 polymer 'Envelope protein'
2 polymer YD73Fab_H
3 polymer YD73Fab_K
#
loop_
_entity_poly.entity_id
_entity_poly.type
_entity_poly.pdbx_seq_one_letter_code
_entity_poly.pdbx_strand_id
1 'polypeptide(L)'
;AHCIGITDRDFIEGVHGGTWVSATLEQDKCVTVMAPDKPSLDISLQTVAIDGPAEARKVCYSAVLTHVKINDKCPSTGEA
HLAEENDGDNACKRTYSDRGWGNGCGLFGKGSIVACAKFTCAKSMSLFEVDQTKIQYVIRAQLHVGAKQENWNTDIKTLK
FDALSGSQEAEFTGYGKATLECQVQTAVDFGNSYIAEMEKDSWIVDRQWAQDLTLPWQSGSGGIWREMHHLVEFEPPHAA
TIRVLALGNQEGSLKTALTGAMRVTKDENDNNLYKLHGGHVSCRVKLSALTLKGTSYKMCTDKMSFVKNPTDTGHGTVVM
QVKVPKGAPCKIPVIVADDLTAAVNKGILVTVNPIASTNDDEVLIEVNPPFGDSYIIVGTGDSRLTYQWHKEGSSIGK
;
E
2 'polypeptide(L)'
;QVQLVQSGAEVKKPGASVKVSCKASGYTFIAYGISWVRQAPGQGLEWMGWISAHNGNTNYAQKFQGRVTVTTDTTTRTAF
MELRNLRSDDTAVYYCARAPWEYNYRSSGYYDSPYWGQGTLVTVSSASTKGPSVFPLAPSSKSTSGGTAALGCLVKDYFP
EPVTVSWNSGALTSGVHTFPAVLQSSGLYSLSSVVTVPSSSLGTQTYICNVNHKPSNTKVDKRVEP
;
H
3 'polypeptide(L)'
;EIVLTQSPGTLSLSPGERATLSCRASQSVVSTYLAWYQQKPGQAPRLLIYDTSTRATGIPDRFSGSGSGTDFTLTISRLE
PEDFAVYYCQHYDSSPPWTFGQGTKVEIKRTVAAPSVFIFPPSDEQLKSGTASVVCLLNNFYPREAKVQWKVDNALQSGN
SQESVTEQDSKDSTYSLSSTLTLSKADYEKHKVYACEVTHQGLSSPVTKSFNRGECS
;
L
#
# COMPACT_ATOMS: atom_id res chain seq x y z
N CYS A 3 9.12 51.69 -29.44
CA CYS A 3 8.01 51.04 -30.12
C CYS A 3 8.17 51.02 -31.64
N ILE A 4 7.05 51.19 -32.35
CA ILE A 4 7.01 51.04 -33.79
C ILE A 4 5.99 52.02 -34.35
N GLY A 5 6.41 52.86 -35.30
CA GLY A 5 5.52 53.81 -35.93
C GLY A 5 4.73 53.22 -37.07
N ILE A 6 3.61 53.87 -37.40
CA ILE A 6 2.75 53.44 -38.48
C ILE A 6 3.02 54.29 -39.71
N THR A 7 2.54 53.82 -40.85
CA THR A 7 2.72 54.51 -42.12
C THR A 7 1.46 55.31 -42.45
N ASP A 8 1.43 55.87 -43.66
CA ASP A 8 0.27 56.66 -44.08
C ASP A 8 -0.97 55.79 -44.23
N ARG A 9 -0.92 54.82 -45.15
CA ARG A 9 -2.08 54.00 -45.46
C ARG A 9 -2.49 53.06 -44.33
N ASP A 10 -1.78 53.09 -43.19
CA ASP A 10 -2.22 52.33 -42.03
C ASP A 10 -3.39 52.99 -41.31
N PHE A 11 -3.78 54.19 -41.72
CA PHE A 11 -4.93 54.87 -41.15
C PHE A 11 -5.61 55.68 -42.24
N ILE A 12 -6.82 56.15 -41.95
CA ILE A 12 -7.54 57.03 -42.87
C ILE A 12 -8.43 57.98 -42.06
N GLU A 13 -8.27 59.29 -42.29
CA GLU A 13 -9.07 60.29 -41.61
C GLU A 13 -10.16 60.79 -42.55
N GLY A 14 -11.42 60.64 -42.13
CA GLY A 14 -12.55 61.02 -42.95
C GLY A 14 -13.05 62.42 -42.67
N VAL A 15 -14.15 62.77 -43.37
CA VAL A 15 -14.77 64.07 -43.19
C VAL A 15 -15.40 64.17 -41.80
N HIS A 16 -16.35 63.29 -41.51
CA HIS A 16 -17.00 63.23 -40.21
C HIS A 16 -16.84 61.84 -39.62
N GLY A 17 -16.95 61.77 -38.30
CA GLY A 17 -16.81 60.50 -37.62
C GLY A 17 -15.47 60.32 -36.95
N GLY A 18 -14.60 59.52 -37.56
CA GLY A 18 -13.31 59.27 -36.96
C GLY A 18 -12.36 58.59 -37.92
N THR A 19 -11.21 58.21 -37.39
CA THR A 19 -10.14 57.59 -38.16
C THR A 19 -9.89 56.18 -37.66
N TRP A 20 -9.74 55.23 -38.58
CA TRP A 20 -9.58 53.83 -38.25
C TRP A 20 -8.18 53.35 -38.60
N VAL A 21 -7.62 52.51 -37.74
CA VAL A 21 -6.31 51.92 -37.95
C VAL A 21 -6.46 50.41 -37.93
N SER A 22 -6.05 49.76 -39.02
CA SER A 22 -6.11 48.30 -39.14
C SER A 22 -4.67 47.79 -39.14
N ALA A 23 -4.23 47.25 -38.01
CA ALA A 23 -2.86 46.76 -37.87
C ALA A 23 -2.88 45.39 -37.19
N THR A 24 -1.90 44.57 -37.54
CA THR A 24 -1.73 43.25 -36.97
C THR A 24 -0.65 43.29 -35.89
N LEU A 25 -0.95 42.66 -34.76
CA LEU A 25 -0.08 42.70 -33.59
C LEU A 25 0.27 41.28 -33.17
N GLU A 26 1.55 40.93 -33.27
CA GLU A 26 2.05 39.70 -32.68
C GLU A 26 2.62 39.98 -31.30
N GLN A 27 2.90 38.90 -30.56
CA GLN A 27 3.30 39.04 -29.16
C GLN A 27 4.64 39.77 -29.04
N ASP A 28 4.73 40.62 -28.02
CA ASP A 28 5.96 41.34 -27.68
C ASP A 28 6.44 42.25 -28.81
N LYS A 29 5.51 42.77 -29.61
CA LYS A 29 5.84 43.71 -30.67
C LYS A 29 4.81 44.84 -30.64
N CYS A 30 5.29 46.06 -30.37
CA CYS A 30 4.44 47.22 -30.17
C CYS A 30 4.16 47.91 -31.50
N VAL A 31 3.14 48.77 -31.49
CA VAL A 31 2.77 49.61 -32.64
C VAL A 31 2.26 50.94 -32.07
N THR A 32 2.92 52.03 -32.43
CA THR A 32 2.59 53.34 -31.88
C THR A 32 1.69 54.12 -32.82
N VAL A 33 0.90 55.02 -32.24
CA VAL A 33 0.05 55.94 -32.98
C VAL A 33 0.41 57.34 -32.54
N MET A 34 0.97 58.14 -33.44
CA MET A 34 1.43 59.48 -33.14
C MET A 34 0.69 60.49 -33.99
N ALA A 35 0.14 61.52 -33.33
CA ALA A 35 -0.47 62.66 -33.99
C ALA A 35 0.17 63.93 -33.46
N PRO A 36 0.44 64.91 -34.32
CA PRO A 36 1.10 66.13 -33.86
C PRO A 36 0.25 66.87 -32.82
N ASP A 37 0.94 67.50 -31.88
CA ASP A 37 0.32 68.20 -30.76
C ASP A 37 -0.52 67.26 -29.90
N LYS A 38 -0.13 65.99 -29.84
CA LYS A 38 -0.79 64.99 -29.02
C LYS A 38 0.22 63.91 -28.64
N PRO A 39 0.09 63.31 -27.46
CA PRO A 39 1.05 62.29 -27.05
C PRO A 39 0.97 61.04 -27.91
N SER A 40 2.10 60.35 -28.01
CA SER A 40 2.16 59.10 -28.76
C SER A 40 1.47 57.98 -27.98
N LEU A 41 1.01 56.98 -28.72
CA LEU A 41 0.38 55.80 -28.15
C LEU A 41 1.35 54.63 -28.13
N ASP A 42 1.03 53.63 -27.32
CA ASP A 42 1.85 52.43 -27.22
C ASP A 42 0.93 51.25 -26.96
N ILE A 43 0.72 50.41 -27.98
CA ILE A 43 -0.16 49.27 -27.88
C ILE A 43 0.70 48.01 -27.77
N SER A 44 0.55 47.29 -26.66
CA SER A 44 1.33 46.10 -26.38
C SER A 44 0.39 44.92 -26.20
N LEU A 45 0.61 43.86 -26.98
CA LEU A 45 -0.15 42.61 -26.85
C LEU A 45 0.57 41.72 -25.84
N GLN A 46 0.02 41.62 -24.63
CA GLN A 46 0.70 40.91 -23.55
C GLN A 46 0.77 39.41 -23.80
N THR A 47 -0.38 38.75 -23.83
CA THR A 47 -0.46 37.31 -23.98
C THR A 47 -1.62 36.95 -24.89
N VAL A 48 -1.54 35.76 -25.49
CA VAL A 48 -2.64 35.14 -26.21
C VAL A 48 -2.71 33.71 -25.67
N ALA A 49 -3.60 33.49 -24.69
CA ALA A 49 -3.59 32.27 -23.91
C ALA A 49 -5.00 31.70 -23.80
N ILE A 50 -5.09 30.56 -23.12
CA ILE A 50 -6.35 29.85 -22.90
C ILE A 50 -6.52 29.66 -21.40
N ASP A 51 -7.78 29.64 -20.96
CA ASP A 51 -8.11 29.55 -19.55
C ASP A 51 -8.82 28.21 -19.29
N GLY A 52 -8.10 27.27 -18.69
CA GLY A 52 -8.68 26.02 -18.24
C GLY A 52 -9.27 25.19 -19.37
N PRO A 53 -8.41 24.63 -20.23
CA PRO A 53 -8.92 23.81 -21.33
C PRO A 53 -9.62 22.57 -20.84
N ALA A 54 -10.46 22.00 -21.70
CA ALA A 54 -11.21 20.79 -21.39
C ALA A 54 -10.37 19.56 -21.67
N GLU A 55 -10.44 18.59 -20.76
CA GLU A 55 -9.69 17.35 -20.89
C GLU A 55 -10.52 16.33 -21.66
N ALA A 56 -10.01 15.91 -22.81
CA ALA A 56 -10.73 14.95 -23.65
C ALA A 56 -10.54 13.52 -23.14
N ARG A 57 -9.29 13.12 -22.93
CA ARG A 57 -8.99 11.78 -22.44
C ARG A 57 -7.70 11.84 -21.64
N LYS A 58 -7.20 10.66 -21.24
CA LYS A 58 -6.01 10.58 -20.40
C LYS A 58 -5.27 9.31 -20.80
N VAL A 59 -4.20 9.47 -21.57
CA VAL A 59 -3.44 8.33 -22.07
C VAL A 59 -2.41 7.92 -21.03
N CYS A 60 -2.43 6.64 -20.67
CA CYS A 60 -1.50 6.09 -19.69
C CYS A 60 -0.22 5.64 -20.37
N TYR A 61 0.92 5.97 -19.74
CA TYR A 61 2.22 5.56 -20.27
C TYR A 61 3.15 5.00 -19.21
N SER A 62 2.64 4.67 -18.02
CA SER A 62 3.45 4.04 -16.99
C SER A 62 2.51 3.22 -16.10
N ALA A 63 2.46 1.91 -16.34
CA ALA A 63 1.52 1.03 -15.66
C ALA A 63 2.23 0.21 -14.59
N VAL A 64 1.48 -0.08 -13.52
CA VAL A 64 1.95 -0.94 -12.44
C VAL A 64 0.97 -2.09 -12.31
N LEU A 65 1.46 -3.31 -12.55
CA LEU A 65 0.62 -4.50 -12.61
C LEU A 65 0.90 -5.37 -11.39
N THR A 66 -0.16 -5.66 -10.62
CA THR A 66 -0.07 -6.47 -9.41
C THR A 66 -1.29 -7.37 -9.33
N HIS A 67 -1.36 -8.14 -8.24
CA HIS A 67 -2.53 -8.98 -7.93
C HIS A 67 -2.86 -9.93 -9.09
N VAL A 68 -1.93 -10.84 -9.36
CA VAL A 68 -2.08 -11.78 -10.46
C VAL A 68 -2.69 -13.07 -9.92
N LYS A 69 -3.81 -13.48 -10.51
CA LYS A 69 -4.52 -14.68 -10.09
C LYS A 69 -4.85 -15.53 -11.32
N ILE A 70 -4.86 -16.84 -11.13
CA ILE A 70 -4.99 -17.79 -12.23
C ILE A 70 -6.05 -18.84 -11.91
N ASN A 71 -6.65 -19.39 -12.96
CA ASN A 71 -7.47 -20.60 -12.88
C ASN A 71 -6.97 -21.58 -13.93
N ASP A 72 -6.81 -22.85 -13.53
CA ASP A 72 -6.24 -23.87 -14.39
C ASP A 72 -7.27 -24.98 -14.59
N LYS A 73 -7.65 -25.23 -15.84
CA LYS A 73 -8.53 -26.33 -16.19
C LYS A 73 -7.75 -27.35 -17.01
N CYS A 74 -7.92 -28.62 -16.68
CA CYS A 74 -7.22 -29.68 -17.37
C CYS A 74 -7.70 -29.78 -18.82
N PRO A 75 -6.88 -30.35 -19.70
CA PRO A 75 -7.31 -30.51 -21.10
C PRO A 75 -8.60 -31.30 -21.19
N SER A 76 -9.55 -30.76 -21.96
CA SER A 76 -10.87 -31.37 -22.17
C SER A 76 -11.61 -31.56 -20.85
N THR A 77 -11.67 -30.48 -20.05
CA THR A 77 -12.51 -30.47 -18.86
C THR A 77 -13.24 -29.14 -18.71
N GLY A 78 -13.41 -28.39 -19.79
CA GLY A 78 -14.01 -27.07 -19.74
C GLY A 78 -12.97 -25.98 -19.91
N GLU A 79 -13.45 -24.75 -19.79
CA GLU A 79 -12.62 -23.57 -19.92
C GLU A 79 -12.56 -22.83 -18.58
N ALA A 80 -11.36 -22.39 -18.21
CA ALA A 80 -11.17 -21.72 -16.94
C ALA A 80 -11.76 -20.31 -16.96
N HIS A 81 -12.35 -19.92 -15.84
CA HIS A 81 -12.98 -18.61 -15.69
C HIS A 81 -12.52 -17.95 -14.41
N LEU A 82 -12.51 -16.62 -14.42
CA LEU A 82 -12.15 -15.83 -13.26
C LEU A 82 -13.10 -14.65 -13.12
N ALA A 83 -13.39 -14.28 -11.88
CA ALA A 83 -14.25 -13.14 -11.62
C ALA A 83 -13.59 -11.81 -11.93
N GLU A 84 -12.28 -11.81 -12.21
CA GLU A 84 -11.56 -10.60 -12.54
C GLU A 84 -11.62 -10.25 -14.01
N GLU A 85 -12.16 -11.13 -14.86
CA GLU A 85 -12.31 -10.81 -16.28
C GLU A 85 -13.36 -9.71 -16.49
N ASN A 86 -14.31 -9.59 -15.57
CA ASN A 86 -15.36 -8.58 -15.68
C ASN A 86 -15.02 -7.29 -14.94
N ASP A 87 -14.01 -7.30 -14.08
CA ASP A 87 -13.64 -6.11 -13.33
C ASP A 87 -12.95 -5.10 -14.23
N GLY A 88 -13.17 -3.81 -13.92
CA GLY A 88 -12.49 -2.75 -14.64
C GLY A 88 -11.08 -2.47 -14.16
N ASP A 89 -10.65 -3.14 -13.09
CA ASP A 89 -9.31 -2.94 -12.54
C ASP A 89 -8.27 -3.84 -13.19
N ASN A 90 -8.68 -4.97 -13.78
CA ASN A 90 -7.77 -6.00 -14.23
C ASN A 90 -7.84 -6.17 -15.75
N ALA A 91 -6.72 -6.58 -16.32
CA ALA A 91 -6.62 -6.99 -17.71
C ALA A 91 -6.27 -8.47 -17.76
N CYS A 92 -6.94 -9.22 -18.64
CA CYS A 92 -6.84 -10.66 -18.65
C CYS A 92 -6.43 -11.17 -20.04
N LYS A 93 -5.80 -12.35 -20.04
CA LYS A 93 -5.31 -12.99 -21.25
C LYS A 93 -5.66 -14.46 -21.21
N ARG A 94 -5.80 -15.08 -22.37
CA ARG A 94 -6.22 -16.48 -22.50
C ARG A 94 -5.30 -17.22 -23.45
N THR A 95 -4.24 -17.84 -22.91
CA THR A 95 -3.40 -18.77 -23.62
C THR A 95 -3.61 -20.16 -23.04
N TYR A 96 -2.82 -21.13 -23.51
CA TYR A 96 -2.96 -22.52 -23.07
C TYR A 96 -1.62 -23.05 -22.60
N SER A 97 -1.68 -23.94 -21.62
CA SER A 97 -0.49 -24.56 -21.03
C SER A 97 -0.53 -26.06 -21.27
N ASP A 98 0.59 -26.62 -21.73
CA ASP A 98 0.66 -28.05 -22.00
C ASP A 98 0.59 -28.82 -20.69
N ARG A 99 -0.30 -29.82 -20.64
CA ARG A 99 -0.54 -30.59 -19.43
C ARG A 99 -0.38 -32.08 -19.73
N GLY A 100 -0.38 -32.88 -18.68
CA GLY A 100 -0.21 -34.31 -18.84
C GLY A 100 -0.27 -35.02 -17.51
N TRP A 101 0.25 -36.25 -17.48
CA TRP A 101 0.25 -37.04 -16.26
C TRP A 101 1.17 -36.48 -15.19
N GLY A 102 2.17 -35.71 -15.57
CA GLY A 102 3.11 -35.14 -14.62
C GLY A 102 2.50 -34.07 -13.74
N ASN A 103 1.94 -33.03 -14.35
CA ASN A 103 1.34 -31.94 -13.59
C ASN A 103 -0.06 -32.27 -13.09
N GLY A 104 -0.47 -33.54 -13.11
CA GLY A 104 -1.68 -33.99 -12.44
C GLY A 104 -2.95 -33.95 -13.25
N CYS A 105 -2.89 -33.59 -14.54
CA CYS A 105 -4.10 -33.56 -15.36
C CYS A 105 -4.34 -34.92 -16.01
N GLY A 106 -5.62 -35.19 -16.31
CA GLY A 106 -6.05 -36.47 -16.81
C GLY A 106 -5.35 -36.98 -18.05
N LEU A 107 -5.54 -36.30 -19.17
CA LEU A 107 -4.92 -36.67 -20.43
C LEU A 107 -4.14 -35.50 -21.00
N PHE A 108 -3.44 -35.77 -22.10
CA PHE A 108 -2.49 -34.82 -22.67
C PHE A 108 -3.23 -33.73 -23.43
N GLY A 109 -2.48 -32.88 -24.11
CA GLY A 109 -3.04 -31.80 -24.91
C GLY A 109 -2.82 -30.44 -24.26
N LYS A 110 -3.16 -29.41 -25.03
CA LYS A 110 -3.04 -28.04 -24.56
C LYS A 110 -4.14 -27.76 -23.54
N GLY A 111 -3.76 -27.54 -22.29
CA GLY A 111 -4.71 -27.26 -21.22
C GLY A 111 -4.97 -25.76 -21.10
N SER A 112 -6.24 -25.43 -20.85
CA SER A 112 -6.64 -24.03 -20.77
C SER A 112 -6.12 -23.38 -19.51
N ILE A 113 -5.88 -22.07 -19.59
CA ILE A 113 -5.41 -21.28 -18.45
C ILE A 113 -5.72 -19.82 -18.73
N VAL A 114 -6.20 -19.13 -17.70
CA VAL A 114 -6.55 -17.71 -17.80
C VAL A 114 -5.87 -16.97 -16.66
N ALA A 115 -5.25 -15.83 -16.99
CA ALA A 115 -4.56 -15.00 -16.01
C ALA A 115 -5.13 -13.59 -16.06
N CYS A 116 -5.08 -12.91 -14.92
CA CYS A 116 -5.54 -11.54 -14.80
C CYS A 116 -4.61 -10.77 -13.89
N ALA A 117 -4.36 -9.51 -14.23
CA ALA A 117 -3.47 -8.65 -13.45
C ALA A 117 -4.12 -7.28 -13.25
N LYS A 118 -4.03 -6.76 -12.03
CA LYS A 118 -4.60 -5.46 -11.70
C LYS A 118 -3.85 -4.35 -12.43
N PHE A 119 -4.61 -3.42 -12.99
CA PHE A 119 -4.06 -2.30 -13.75
C PHE A 119 -4.14 -1.04 -12.90
N THR A 120 -2.98 -0.52 -12.51
CA THR A 120 -2.89 0.70 -11.71
C THR A 120 -1.99 1.68 -12.46
N CYS A 121 -2.60 2.64 -13.14
CA CYS A 121 -1.86 3.63 -13.91
C CYS A 121 -1.23 4.65 -12.96
N ALA A 122 0.10 4.77 -13.02
CA ALA A 122 0.82 5.69 -12.16
C ALA A 122 1.00 7.05 -12.82
N LYS A 123 1.63 7.08 -13.98
CA LYS A 123 1.89 8.31 -14.73
C LYS A 123 1.11 8.26 -16.03
N SER A 124 0.34 9.32 -16.29
CA SER A 124 -0.51 9.39 -17.47
C SER A 124 -0.45 10.79 -18.05
N MET A 125 -0.29 10.89 -19.36
CA MET A 125 -0.35 12.17 -20.05
C MET A 125 -1.78 12.46 -20.47
N SER A 126 -2.18 13.72 -20.35
CA SER A 126 -3.55 14.14 -20.62
C SER A 126 -3.62 14.92 -21.91
N LEU A 127 -4.77 14.82 -22.58
CA LEU A 127 -4.99 15.45 -23.88
C LEU A 127 -6.09 16.49 -23.73
N PHE A 128 -5.74 17.76 -23.93
CA PHE A 128 -6.69 18.85 -23.84
C PHE A 128 -7.12 19.29 -25.22
N GLU A 129 -8.36 19.76 -25.32
CA GLU A 129 -8.90 20.33 -26.54
C GLU A 129 -9.36 21.76 -26.26
N VAL A 130 -9.06 22.66 -27.18
CA VAL A 130 -9.30 24.08 -27.01
C VAL A 130 -10.67 24.45 -27.51
N ASP A 131 -11.32 25.37 -26.80
CA ASP A 131 -12.55 26.02 -27.28
C ASP A 131 -12.12 27.28 -28.01
N GLN A 132 -12.16 27.24 -29.34
CA GLN A 132 -11.52 28.28 -30.14
C GLN A 132 -12.12 29.67 -29.87
N THR A 133 -13.40 29.73 -29.50
CA THR A 133 -14.03 31.02 -29.23
C THR A 133 -13.59 31.62 -27.90
N LYS A 134 -13.17 30.80 -26.94
CA LYS A 134 -12.82 31.27 -25.61
C LYS A 134 -11.33 31.53 -25.46
N ILE A 135 -10.62 31.83 -26.55
CA ILE A 135 -9.19 32.12 -26.48
C ILE A 135 -9.00 33.55 -25.99
N GLN A 136 -8.19 33.72 -24.96
CA GLN A 136 -7.90 35.03 -24.41
C GLN A 136 -6.73 35.68 -25.13
N TYR A 137 -6.78 37.01 -25.25
CA TYR A 137 -5.65 37.79 -25.74
C TYR A 137 -5.74 39.19 -25.16
N VAL A 138 -4.63 39.67 -24.60
CA VAL A 138 -4.60 40.87 -23.79
C VAL A 138 -3.84 41.96 -24.54
N ILE A 139 -4.43 43.15 -24.59
CA ILE A 139 -3.79 44.32 -25.17
C ILE A 139 -3.60 45.35 -24.06
N ARG A 140 -2.35 45.71 -23.79
CA ARG A 140 -2.01 46.72 -22.79
C ARG A 140 -1.61 47.99 -23.53
N ALA A 141 -2.60 48.80 -23.90
CA ALA A 141 -2.35 50.05 -24.61
C ALA A 141 -1.88 51.14 -23.67
N ILE A 156 -1.06 53.57 -18.16
CA ILE A 156 -1.36 52.49 -19.09
C ILE A 156 -2.66 51.79 -18.70
N LYS A 157 -3.43 51.39 -19.70
CA LYS A 157 -4.72 50.75 -19.49
C LYS A 157 -4.65 49.29 -19.91
N THR A 158 -5.28 48.42 -19.13
CA THR A 158 -5.28 46.99 -19.37
C THR A 158 -6.58 46.57 -20.03
N LEU A 159 -6.47 45.82 -21.14
CA LEU A 159 -7.64 45.33 -21.87
C LEU A 159 -7.49 43.85 -22.14
N LYS A 160 -8.50 43.08 -21.77
CA LYS A 160 -8.60 41.66 -22.11
C LYS A 160 -9.62 41.47 -23.22
N PHE A 161 -9.45 40.39 -23.97
CA PHE A 161 -10.27 40.16 -25.15
C PHE A 161 -10.50 38.66 -25.35
N ASP A 162 -11.62 38.34 -26.00
CA ASP A 162 -11.94 36.99 -26.42
C ASP A 162 -12.23 36.99 -27.92
N ALA A 163 -12.21 35.78 -28.51
CA ALA A 163 -12.61 35.65 -29.91
C ALA A 163 -14.08 35.99 -30.08
N LEU A 164 -14.90 35.74 -29.07
CA LEU A 164 -16.29 36.19 -29.09
C LEU A 164 -16.38 37.70 -28.97
N SER A 165 -15.64 38.28 -28.01
CA SER A 165 -15.67 39.71 -27.75
C SER A 165 -14.53 40.38 -28.51
N GLY A 166 -14.76 40.58 -29.81
CA GLY A 166 -13.77 41.25 -30.63
C GLY A 166 -13.70 42.75 -30.45
N SER A 167 -14.65 43.33 -29.71
CA SER A 167 -14.71 44.78 -29.53
C SER A 167 -14.91 45.09 -28.06
N GLN A 168 -13.92 45.76 -27.47
CA GLN A 168 -14.01 46.30 -26.11
C GLN A 168 -13.52 47.73 -26.12
N GLU A 169 -14.22 48.59 -25.38
CA GLU A 169 -14.03 50.04 -25.49
C GLU A 169 -13.29 50.57 -24.27
N ALA A 170 -12.50 51.62 -24.48
CA ALA A 170 -11.76 52.29 -23.42
C ALA A 170 -11.37 53.67 -23.90
N GLU A 171 -11.59 54.68 -23.05
CA GLU A 171 -11.29 56.07 -23.39
C GLU A 171 -9.93 56.47 -22.83
N PHE A 172 -9.15 57.16 -23.65
CA PHE A 172 -7.84 57.64 -23.27
C PHE A 172 -7.82 59.16 -23.28
N THR A 173 -6.92 59.74 -22.48
CA THR A 173 -6.78 61.19 -22.39
C THR A 173 -6.00 61.69 -23.60
N GLY A 174 -6.69 62.37 -24.51
CA GLY A 174 -6.08 62.94 -25.71
C GLY A 174 -6.71 62.45 -27.00
N TYR A 175 -7.28 61.24 -26.99
CA TYR A 175 -7.87 60.66 -28.18
C TYR A 175 -9.37 60.42 -28.06
N GLY A 176 -9.98 60.76 -26.93
CA GLY A 176 -11.39 60.50 -26.76
C GLY A 176 -11.64 59.01 -26.49
N LYS A 177 -12.92 58.63 -26.65
CA LYS A 177 -13.32 57.26 -26.42
C LYS A 177 -12.96 56.40 -27.64
N ALA A 178 -12.31 55.27 -27.39
CA ALA A 178 -11.80 54.40 -28.44
C ALA A 178 -12.45 53.03 -28.34
N THR A 179 -12.87 52.49 -29.49
CA THR A 179 -13.41 51.15 -29.59
C THR A 179 -12.51 50.32 -30.49
N LEU A 180 -12.09 49.16 -29.99
CA LEU A 180 -11.11 48.32 -30.68
C LEU A 180 -11.81 47.06 -31.19
N GLU A 181 -12.20 47.07 -32.46
CA GLU A 181 -12.74 45.87 -33.10
C GLU A 181 -11.58 44.98 -33.52
N CYS A 182 -11.37 43.90 -32.78
CA CYS A 182 -10.23 43.02 -32.97
C CYS A 182 -10.66 41.67 -33.51
N GLN A 183 -9.66 40.89 -33.94
CA GLN A 183 -9.88 39.55 -34.46
C GLN A 183 -8.59 38.76 -34.29
N VAL A 184 -8.71 37.49 -33.95
CA VAL A 184 -7.57 36.62 -33.68
C VAL A 184 -7.54 35.50 -34.71
N GLN A 185 -6.37 35.31 -35.33
CA GLN A 185 -6.11 34.19 -36.20
C GLN A 185 -5.08 33.29 -35.53
N THR A 186 -5.40 32.01 -35.39
CA THR A 186 -4.55 31.09 -34.63
C THR A 186 -3.31 30.74 -35.46
N ALA A 187 -2.51 29.81 -34.93
CA ALA A 187 -1.28 29.39 -35.61
C ALA A 187 -1.18 27.90 -35.87
N VAL A 188 -2.02 27.06 -35.25
CA VAL A 188 -1.90 25.61 -35.36
C VAL A 188 -3.22 24.93 -35.72
N ASP A 189 -4.33 25.68 -35.80
CA ASP A 189 -5.63 25.13 -36.17
C ASP A 189 -6.05 24.03 -35.19
N PHE A 190 -6.37 24.48 -33.98
CA PHE A 190 -6.78 23.60 -32.89
C PHE A 190 -7.97 22.71 -33.25
N GLY A 191 -8.58 22.94 -34.41
CA GLY A 191 -9.64 22.07 -34.87
C GLY A 191 -9.20 20.66 -35.21
N ASN A 192 -7.89 20.40 -35.25
CA ASN A 192 -7.39 19.06 -35.52
C ASN A 192 -6.24 18.66 -34.59
N SER A 193 -5.91 19.47 -33.60
CA SER A 193 -4.76 19.23 -32.73
C SER A 193 -5.19 19.16 -31.27
N TYR A 194 -4.35 18.53 -30.45
CA TYR A 194 -4.54 18.41 -29.02
C TYR A 194 -3.45 19.19 -28.28
N ILE A 195 -3.55 19.20 -26.96
CA ILE A 195 -2.52 19.79 -26.09
C ILE A 195 -2.14 18.70 -25.10
N ALA A 196 -1.04 18.00 -25.38
CA ALA A 196 -0.58 16.94 -24.49
C ALA A 196 0.24 17.54 -23.36
N GLU A 197 -0.03 17.07 -22.13
CA GLU A 197 0.67 17.54 -20.95
C GLU A 197 1.30 16.34 -20.25
N MET A 198 2.62 16.31 -20.20
CA MET A 198 3.34 15.29 -19.45
C MET A 198 3.45 15.74 -17.99
N GLU A 199 4.34 15.10 -17.23
CA GLU A 199 4.51 15.42 -15.81
C GLU A 199 4.65 16.93 -15.59
N LYS A 200 5.69 17.52 -16.17
CA LYS A 200 5.89 18.96 -16.13
C LYS A 200 5.83 19.63 -17.48
N ASP A 201 6.26 18.95 -18.54
CA ASP A 201 6.30 19.52 -19.88
C ASP A 201 4.92 19.45 -20.54
N SER A 202 4.77 20.18 -21.63
CA SER A 202 3.54 20.17 -22.41
C SER A 202 3.90 20.17 -23.90
N TRP A 203 2.89 19.91 -24.73
CA TRP A 203 3.09 19.82 -26.17
C TRP A 203 1.78 20.13 -26.87
N ILE A 204 1.87 20.32 -28.18
CA ILE A 204 0.72 20.39 -29.06
C ILE A 204 0.86 19.25 -30.07
N VAL A 205 0.04 18.22 -29.92
CA VAL A 205 0.09 17.05 -30.76
C VAL A 205 -1.17 16.97 -31.60
N ASP A 206 -1.08 16.24 -32.71
CA ASP A 206 -2.24 16.03 -33.55
C ASP A 206 -3.26 15.13 -32.85
N ARG A 207 -4.53 15.40 -33.12
CA ARG A 207 -5.66 14.63 -32.51
C ARG A 207 -5.61 13.16 -32.97
N GLN A 208 -5.40 12.91 -34.27
CA GLN A 208 -5.38 11.55 -34.78
C GLN A 208 -4.13 10.80 -34.36
N TRP A 209 -2.99 11.50 -34.24
CA TRP A 209 -1.78 10.85 -33.73
C TRP A 209 -1.98 10.40 -32.29
N ALA A 210 -2.67 11.21 -31.49
CA ALA A 210 -2.95 10.85 -30.10
C ALA A 210 -4.04 9.80 -29.98
N GLN A 211 -4.89 9.64 -30.99
CA GLN A 211 -5.92 8.60 -30.97
C GLN A 211 -5.48 7.33 -31.67
N ASP A 212 -4.47 7.39 -32.53
CA ASP A 212 -3.85 6.21 -33.12
C ASP A 212 -2.69 5.69 -32.29
N LEU A 213 -2.65 6.01 -31.00
CA LEU A 213 -1.58 5.60 -30.11
C LEU A 213 -1.84 4.20 -29.56
N THR A 214 -0.78 3.43 -29.41
CA THR A 214 -0.87 2.07 -28.85
C THR A 214 -0.68 2.08 -27.33
N LEU A 215 -1.45 2.93 -26.65
CA LEU A 215 -1.40 3.06 -25.20
C LEU A 215 -2.82 3.11 -24.66
N PRO A 216 -3.03 2.65 -23.42
CA PRO A 216 -4.38 2.72 -22.83
C PRO A 216 -4.80 4.16 -22.58
N TRP A 217 -6.10 4.39 -22.69
CA TRP A 217 -6.68 5.72 -22.56
C TRP A 217 -7.88 5.68 -21.61
N GLN A 218 -7.98 6.69 -20.75
CA GLN A 218 -9.14 6.86 -19.88
C GLN A 218 -10.07 7.89 -20.52
N SER A 219 -11.37 7.60 -20.45
CA SER A 219 -12.36 8.39 -21.19
C SER A 219 -12.56 9.76 -20.54
N GLY A 220 -13.40 10.57 -21.18
CA GLY A 220 -13.64 11.91 -20.67
C GLY A 220 -14.51 11.93 -19.43
N SER A 221 -15.59 11.16 -19.43
CA SER A 221 -16.50 11.14 -18.30
C SER A 221 -15.90 10.45 -17.08
N GLY A 222 -14.73 9.85 -17.21
CA GLY A 222 -14.06 9.15 -16.14
C GLY A 222 -13.88 7.69 -16.48
N GLY A 223 -14.95 7.08 -17.00
CA GLY A 223 -14.93 5.75 -17.58
C GLY A 223 -14.05 4.72 -16.89
N ILE A 224 -13.28 3.99 -17.68
CA ILE A 224 -12.28 3.05 -17.20
C ILE A 224 -11.08 3.10 -18.13
N TRP A 225 -10.01 2.39 -17.75
CA TRP A 225 -8.82 2.32 -18.57
C TRP A 225 -9.07 1.32 -19.70
N ARG A 226 -9.67 1.83 -20.77
CA ARG A 226 -10.01 0.98 -21.90
C ARG A 226 -8.77 0.60 -22.70
N GLU A 227 -8.79 -0.60 -23.28
CA GLU A 227 -7.70 -1.13 -24.09
C GLU A 227 -6.40 -1.19 -23.30
N MET A 228 -6.40 -2.01 -22.25
CA MET A 228 -5.25 -2.15 -21.37
C MET A 228 -4.16 -3.03 -21.95
N HIS A 229 -4.49 -3.90 -22.91
CA HIS A 229 -3.54 -4.89 -23.40
C HIS A 229 -2.36 -4.28 -24.14
N HIS A 230 -2.43 -3.00 -24.49
CA HIS A 230 -1.28 -2.33 -25.11
C HIS A 230 -0.09 -2.24 -24.16
N LEU A 231 -0.33 -2.37 -22.85
CA LEU A 231 0.74 -2.28 -21.86
C LEU A 231 0.91 -3.55 -21.04
N VAL A 232 0.01 -4.53 -21.16
CA VAL A 232 0.03 -5.72 -20.34
C VAL A 232 0.20 -6.93 -21.24
N GLU A 233 1.34 -7.62 -21.12
CA GLU A 233 1.56 -8.90 -21.76
C GLU A 233 2.16 -9.86 -20.75
N PHE A 234 1.67 -11.10 -20.76
CA PHE A 234 2.13 -12.11 -19.83
C PHE A 234 3.09 -13.07 -20.52
N GLU A 235 3.98 -13.67 -19.72
CA GLU A 235 4.85 -14.72 -20.24
C GLU A 235 4.02 -15.94 -20.63
N PRO A 236 4.51 -16.75 -21.55
CA PRO A 236 3.80 -17.98 -21.91
C PRO A 236 3.60 -18.85 -20.68
N PRO A 237 2.41 -19.44 -20.53
CA PRO A 237 2.11 -20.15 -19.28
C PRO A 237 2.87 -21.45 -19.17
N HIS A 238 3.37 -21.73 -17.97
CA HIS A 238 3.87 -23.04 -17.63
C HIS A 238 2.71 -23.88 -17.07
N ALA A 239 3.02 -25.02 -16.46
CA ALA A 239 2.02 -25.99 -16.03
C ALA A 239 0.77 -25.35 -15.45
N ALA A 240 0.92 -24.53 -14.40
CA ALA A 240 -0.21 -23.83 -13.83
C ALA A 240 0.13 -22.42 -13.36
N THR A 241 1.15 -21.79 -13.95
CA THR A 241 1.67 -20.54 -13.43
C THR A 241 1.91 -19.55 -14.56
N ILE A 242 1.93 -18.28 -14.19
CA ILE A 242 2.20 -17.17 -15.10
C ILE A 242 3.21 -16.24 -14.44
N ARG A 243 4.15 -15.74 -15.23
CA ARG A 243 4.93 -14.56 -14.86
C ARG A 243 4.49 -13.39 -15.73
N VAL A 244 4.38 -12.22 -15.13
CA VAL A 244 3.85 -11.04 -15.80
C VAL A 244 5.02 -10.19 -16.28
N LEU A 245 5.13 -10.03 -17.60
CA LEU A 245 6.12 -9.12 -18.18
C LEU A 245 5.66 -7.70 -17.93
N ALA A 246 6.22 -7.06 -16.91
CA ALA A 246 5.86 -5.69 -16.55
C ALA A 246 6.51 -4.75 -17.55
N LEU A 247 5.80 -4.49 -18.64
CA LEU A 247 6.26 -3.50 -19.61
C LEU A 247 6.35 -2.15 -18.94
N GLY A 248 7.57 -1.65 -18.75
CA GLY A 248 7.81 -0.46 -17.97
C GLY A 248 7.23 0.78 -18.62
N ASN A 249 7.56 1.92 -18.02
CA ASN A 249 7.10 3.20 -18.52
C ASN A 249 7.64 3.44 -19.93
N GLN A 250 6.74 3.57 -20.89
CA GLN A 250 7.10 3.87 -22.27
C GLN A 250 7.37 5.36 -22.48
N GLU A 251 7.63 6.08 -21.38
CA GLU A 251 8.04 7.47 -21.47
C GLU A 251 9.26 7.64 -22.35
N GLY A 252 10.17 6.66 -22.32
CA GLY A 252 11.32 6.70 -23.22
C GLY A 252 10.94 6.66 -24.68
N SER A 253 9.80 6.03 -24.99
CA SER A 253 9.28 6.03 -26.35
C SER A 253 8.42 7.25 -26.66
N LEU A 254 7.82 7.87 -25.63
CA LEU A 254 6.97 9.04 -25.86
C LEU A 254 7.78 10.31 -26.02
N LYS A 255 8.64 10.61 -25.04
CA LYS A 255 9.47 11.82 -25.13
C LYS A 255 10.38 11.78 -26.35
N THR A 256 10.69 10.59 -26.86
CA THR A 256 11.40 10.50 -28.14
C THR A 256 10.45 10.72 -29.32
N ALA A 257 9.23 10.18 -29.23
CA ALA A 257 8.25 10.42 -30.27
C ALA A 257 7.72 11.84 -30.26
N LEU A 258 7.95 12.58 -29.17
CA LEU A 258 7.53 13.98 -29.06
C LEU A 258 8.69 14.95 -29.27
N THR A 259 9.77 14.50 -29.89
CA THR A 259 10.90 15.39 -30.14
C THR A 259 10.54 16.48 -31.14
N GLY A 260 9.95 16.09 -32.28
CA GLY A 260 9.62 17.04 -33.32
C GLY A 260 8.23 17.62 -33.20
N ALA A 261 7.91 18.20 -32.05
CA ALA A 261 6.60 18.78 -31.80
C ALA A 261 6.76 20.15 -31.15
N MET A 262 5.71 20.96 -31.28
CA MET A 262 5.73 22.30 -30.72
C MET A 262 5.37 22.27 -29.24
N ARG A 263 6.12 23.03 -28.44
CA ARG A 263 5.89 23.11 -27.01
C ARG A 263 4.96 24.27 -26.67
N VAL A 264 4.39 24.21 -25.47
CA VAL A 264 3.55 25.29 -24.95
C VAL A 264 3.96 25.53 -23.50
N THR A 265 4.47 26.74 -23.22
CA THR A 265 4.84 27.10 -21.87
C THR A 265 3.60 27.20 -20.99
N LYS A 266 3.65 26.61 -19.80
CA LYS A 266 2.46 26.54 -18.95
C LYS A 266 1.97 27.92 -18.55
N ASP A 267 2.75 28.63 -17.73
CA ASP A 267 2.35 29.93 -17.22
C ASP A 267 3.51 30.49 -16.41
N GLU A 268 3.53 31.81 -16.31
CA GLU A 268 4.48 32.56 -15.50
C GLU A 268 3.82 33.46 -14.48
N ASN A 269 2.74 34.17 -14.85
CA ASN A 269 2.15 35.17 -13.96
C ASN A 269 0.69 34.88 -13.62
N ASP A 270 -0.14 34.59 -14.62
CA ASP A 270 -1.58 34.68 -14.46
C ASP A 270 -2.15 33.73 -13.40
N ASN A 271 -2.10 32.42 -13.66
CA ASN A 271 -2.68 31.42 -12.77
C ASN A 271 -2.27 30.04 -13.29
N ASN A 272 -2.79 29.00 -12.67
CA ASN A 272 -2.62 27.64 -13.16
C ASN A 272 -3.70 27.32 -14.19
N LEU A 273 -3.42 26.33 -15.02
CA LEU A 273 -4.30 25.95 -16.13
C LEU A 273 -4.56 27.13 -17.07
N TYR A 274 -3.52 27.96 -17.27
CA TYR A 274 -3.59 29.17 -18.08
C TYR A 274 -2.43 29.11 -19.08
N LYS A 275 -2.64 28.41 -20.19
CA LYS A 275 -1.57 28.05 -21.10
C LYS A 275 -1.32 29.15 -22.12
N LEU A 276 -0.10 29.67 -22.16
CA LEU A 276 0.30 30.74 -23.06
C LEU A 276 0.94 30.17 -24.32
N HIS A 277 0.80 30.91 -25.42
CA HIS A 277 1.45 30.55 -26.69
C HIS A 277 1.34 31.74 -27.64
N GLY A 278 2.20 31.73 -28.66
CA GLY A 278 2.19 32.79 -29.64
C GLY A 278 1.12 32.60 -30.71
N GLY A 279 0.98 33.62 -31.56
CA GLY A 279 -0.02 33.58 -32.61
C GLY A 279 -0.09 34.81 -33.49
N HIS A 280 -1.32 35.26 -33.80
CA HIS A 280 -1.55 36.37 -34.70
C HIS A 280 -2.83 37.08 -34.30
N VAL A 281 -2.82 38.41 -34.38
CA VAL A 281 -3.97 39.23 -34.00
C VAL A 281 -4.18 40.32 -35.05
N SER A 282 -5.44 40.60 -35.36
CA SER A 282 -5.82 41.70 -36.24
C SER A 282 -6.84 42.57 -35.52
N CYS A 283 -6.57 43.88 -35.45
CA CYS A 283 -7.42 44.80 -34.71
C CYS A 283 -7.77 46.01 -35.56
N ARG A 284 -8.86 46.67 -35.19
CA ARG A 284 -9.28 47.92 -35.81
C ARG A 284 -9.71 48.88 -34.70
N VAL A 285 -9.06 50.04 -34.63
CA VAL A 285 -9.30 51.02 -33.57
C VAL A 285 -10.21 52.11 -34.10
N LYS A 286 -11.25 52.43 -33.34
CA LYS A 286 -12.21 53.48 -33.69
C LYS A 286 -11.89 54.73 -32.87
N LEU A 287 -11.04 55.58 -33.41
CA LEU A 287 -10.70 56.85 -32.80
C LEU A 287 -11.55 57.97 -33.39
N SER A 288 -11.61 59.09 -32.67
CA SER A 288 -12.40 60.23 -33.11
C SER A 288 -11.75 60.87 -34.34
N ALA A 289 -12.37 61.95 -34.82
CA ALA A 289 -11.90 62.63 -36.03
C ALA A 289 -10.60 63.37 -35.70
N LEU A 290 -9.47 62.76 -36.05
CA LEU A 290 -8.16 63.29 -35.75
C LEU A 290 -7.29 63.28 -37.01
N THR A 291 -6.37 64.24 -37.09
CA THR A 291 -5.41 64.30 -38.19
C THR A 291 -4.15 63.56 -37.73
N LEU A 292 -4.06 62.28 -38.09
CA LEU A 292 -2.94 61.45 -37.65
C LEU A 292 -1.74 61.62 -38.57
N LYS A 293 -0.68 60.88 -38.27
CA LYS A 293 0.61 61.03 -38.94
C LYS A 293 1.06 59.68 -39.48
N GLY A 294 1.84 59.71 -40.56
CA GLY A 294 2.41 58.51 -41.14
C GLY A 294 3.93 58.55 -41.12
N THR A 295 4.54 57.40 -40.84
CA THR A 295 5.99 57.26 -40.80
C THR A 295 6.40 56.09 -41.67
N SER A 296 7.38 56.31 -42.53
CA SER A 296 7.85 55.29 -43.47
C SER A 296 9.22 54.77 -43.05
N TYR A 297 9.52 53.54 -43.45
CA TYR A 297 10.80 52.90 -43.19
C TYR A 297 11.47 52.51 -44.50
N LYS A 298 12.79 52.68 -44.56
CA LYS A 298 13.57 52.27 -45.72
C LYS A 298 13.87 50.78 -45.62
N MET A 299 14.80 50.30 -46.44
CA MET A 299 15.23 48.91 -46.40
C MET A 299 16.58 48.79 -45.70
N CYS A 300 16.79 47.63 -45.07
CA CYS A 300 18.03 47.36 -44.35
C CYS A 300 19.02 46.69 -45.30
N THR A 301 20.07 47.43 -45.69
CA THR A 301 21.13 46.89 -46.53
C THR A 301 22.48 46.94 -45.86
N ASP A 302 22.53 47.19 -44.56
CA ASP A 302 23.78 47.35 -43.83
C ASP A 302 24.21 46.01 -43.23
N LYS A 303 25.34 46.03 -42.52
CA LYS A 303 25.84 44.83 -41.87
C LYS A 303 24.87 44.35 -40.80
N MET A 304 24.74 43.03 -40.69
CA MET A 304 23.84 42.44 -39.72
C MET A 304 24.27 41.01 -39.45
N SER A 305 23.98 40.53 -38.25
CA SER A 305 24.40 39.21 -37.81
C SER A 305 23.24 38.48 -37.14
N PHE A 306 23.33 37.16 -37.13
CA PHE A 306 22.31 36.32 -36.51
C PHE A 306 22.53 36.23 -35.00
N VAL A 307 21.50 36.55 -34.23
CA VAL A 307 21.53 36.28 -32.79
C VAL A 307 21.17 34.83 -32.51
N LYS A 308 19.97 34.43 -32.90
CA LYS A 308 19.55 33.03 -32.89
C LYS A 308 19.36 32.59 -34.32
N ASN A 309 20.06 31.52 -34.71
CA ASN A 309 19.99 31.03 -36.07
C ASN A 309 18.58 30.52 -36.37
N PRO A 310 18.18 30.52 -37.65
CA PRO A 310 16.83 30.04 -38.00
C PRO A 310 16.60 28.61 -37.56
N THR A 311 15.64 28.43 -36.64
CA THR A 311 15.30 27.14 -36.09
C THR A 311 13.81 26.85 -36.32
N ASP A 312 13.46 25.57 -36.21
CA ASP A 312 12.10 25.13 -36.46
C ASP A 312 11.18 25.48 -35.30
N THR A 313 9.90 25.68 -35.61
CA THR A 313 8.86 25.85 -34.60
C THR A 313 7.98 24.63 -34.44
N GLY A 314 7.97 23.73 -35.42
CA GLY A 314 7.17 22.53 -35.33
C GLY A 314 6.08 22.46 -36.39
N HIS A 315 5.42 23.61 -36.64
CA HIS A 315 4.33 23.69 -37.60
C HIS A 315 4.77 24.23 -38.96
N GLY A 316 6.02 23.94 -39.35
CA GLY A 316 6.53 24.27 -40.66
C GLY A 316 7.30 25.57 -40.72
N THR A 317 6.92 26.56 -39.92
CA THR A 317 7.59 27.85 -39.97
C THR A 317 8.96 27.78 -39.31
N VAL A 318 9.89 28.55 -39.85
CA VAL A 318 11.23 28.69 -39.30
C VAL A 318 11.36 30.11 -38.72
N VAL A 319 11.90 30.21 -37.52
CA VAL A 319 12.01 31.47 -36.80
C VAL A 319 13.49 31.84 -36.69
N MET A 320 13.81 33.06 -37.11
CA MET A 320 15.18 33.56 -37.09
C MET A 320 15.20 34.92 -36.42
N GLN A 321 16.26 35.19 -35.66
CA GLN A 321 16.46 36.47 -35.01
C GLN A 321 17.75 37.11 -35.53
N VAL A 322 17.71 38.43 -35.75
CA VAL A 322 18.82 39.15 -36.35
C VAL A 322 19.06 40.45 -35.59
N LYS A 323 20.26 40.99 -35.74
CA LYS A 323 20.69 42.22 -35.09
C LYS A 323 21.16 43.20 -36.16
N VAL A 324 20.65 44.42 -36.10
CA VAL A 324 20.97 45.47 -37.07
C VAL A 324 21.68 46.60 -36.33
N PRO A 325 23.00 46.68 -36.41
CA PRO A 325 23.71 47.76 -35.72
C PRO A 325 23.77 49.08 -36.49
N LYS A 326 23.70 49.02 -37.81
CA LYS A 326 23.81 50.19 -38.66
C LYS A 326 22.49 50.43 -39.37
N GLY A 327 22.04 51.70 -39.38
CA GLY A 327 20.79 52.06 -40.02
C GLY A 327 19.60 51.29 -39.49
N ALA A 328 19.28 51.48 -38.21
CA ALA A 328 18.27 50.64 -37.57
C ALA A 328 16.87 50.84 -38.14
N PRO A 329 16.32 52.07 -38.26
CA PRO A 329 14.90 52.19 -38.60
C PRO A 329 14.56 51.73 -40.01
N CYS A 330 14.52 50.43 -40.23
CA CYS A 330 14.14 49.87 -41.52
C CYS A 330 13.62 48.45 -41.32
N LYS A 331 12.90 47.96 -42.33
CA LYS A 331 12.51 46.56 -42.36
C LYS A 331 13.54 45.75 -43.15
N ILE A 332 13.73 44.51 -42.72
CA ILE A 332 14.81 43.66 -43.23
C ILE A 332 14.28 42.87 -44.42
N PRO A 333 14.92 42.94 -45.58
CA PRO A 333 14.47 42.13 -46.72
C PRO A 333 14.82 40.66 -46.54
N VAL A 334 13.81 39.83 -46.29
CA VAL A 334 14.00 38.39 -46.14
C VAL A 334 13.47 37.72 -47.41
N ILE A 335 14.36 37.03 -48.11
CA ILE A 335 14.03 36.39 -49.38
C ILE A 335 14.32 34.90 -49.25
N VAL A 336 13.40 34.08 -49.77
CA VAL A 336 13.54 32.63 -49.74
C VAL A 336 13.32 32.14 -51.17
N ALA A 337 14.42 31.94 -51.90
CA ALA A 337 14.36 31.61 -53.32
C ALA A 337 14.36 30.10 -53.53
N ASP A 338 14.34 29.70 -54.80
CA ASP A 338 14.35 28.30 -55.18
C ASP A 338 15.69 27.65 -54.84
N THR A 341 22.02 30.38 -56.96
CA THR A 341 20.63 30.74 -56.67
C THR A 341 20.32 32.15 -57.17
N ALA A 342 19.04 32.44 -57.32
CA ALA A 342 18.56 33.72 -57.83
C ALA A 342 17.75 34.43 -56.75
N ALA A 343 17.11 35.53 -57.13
CA ALA A 343 16.32 36.35 -56.21
C ALA A 343 14.83 36.03 -56.25
N VAL A 344 14.35 35.31 -57.26
CA VAL A 344 12.94 34.99 -57.35
C VAL A 344 12.57 34.04 -56.21
N ASN A 345 11.64 34.47 -55.36
CA ASN A 345 11.34 33.77 -54.12
C ASN A 345 9.93 33.20 -54.13
N LYS A 346 9.82 31.96 -53.62
CA LYS A 346 8.54 31.35 -53.26
C LYS A 346 8.74 30.91 -51.81
N GLY A 347 8.57 31.85 -50.89
CA GLY A 347 9.05 31.72 -49.53
C GLY A 347 8.12 32.24 -48.47
N ILE A 348 6.81 32.03 -48.63
CA ILE A 348 5.75 32.87 -48.07
C ILE A 348 6.10 33.41 -46.68
N LEU A 349 6.04 34.73 -46.53
CA LEU A 349 6.48 35.42 -45.33
C LEU A 349 5.37 35.49 -44.30
N VAL A 350 5.71 35.19 -43.05
CA VAL A 350 4.77 35.24 -41.95
C VAL A 350 4.96 36.49 -41.10
N THR A 351 6.20 36.93 -40.91
CA THR A 351 6.48 38.07 -40.05
C THR A 351 5.88 39.34 -40.62
N VAL A 352 5.12 40.05 -39.78
CA VAL A 352 4.63 41.37 -40.11
C VAL A 352 5.50 42.37 -39.36
N ASN A 353 5.54 43.61 -39.88
CA ASN A 353 6.37 44.72 -39.41
C ASN A 353 7.75 44.25 -38.97
N PRO A 354 8.61 43.78 -39.90
CA PRO A 354 9.96 43.32 -39.57
C PRO A 354 10.98 44.44 -39.43
N ILE A 355 10.60 45.50 -38.72
CA ILE A 355 11.43 46.67 -38.56
C ILE A 355 12.17 46.59 -37.22
N ALA A 356 13.22 47.39 -37.10
CA ALA A 356 14.05 47.44 -35.90
C ALA A 356 13.60 48.58 -35.00
N SER A 357 13.41 48.27 -33.72
CA SER A 357 13.00 49.29 -32.76
C SER A 357 14.12 50.30 -32.52
N THR A 358 15.28 49.81 -32.06
CA THR A 358 16.44 50.65 -31.81
C THR A 358 17.68 49.93 -32.33
N ASN A 359 18.83 50.60 -32.18
CA ASN A 359 20.10 50.03 -32.64
C ASN A 359 20.60 48.98 -31.64
N ASP A 360 21.40 48.04 -32.15
CA ASP A 360 21.94 46.93 -31.38
C ASP A 360 20.83 46.08 -30.75
N ASP A 361 19.67 46.06 -31.40
CA ASP A 361 18.51 45.31 -30.93
C ASP A 361 18.32 44.04 -31.77
N GLU A 362 17.41 43.20 -31.31
CA GLU A 362 17.05 41.96 -32.00
C GLU A 362 15.61 42.06 -32.47
N VAL A 363 15.36 41.59 -33.69
CA VAL A 363 14.02 41.60 -34.29
C VAL A 363 13.70 40.19 -34.76
N LEU A 364 12.54 39.68 -34.34
CA LEU A 364 12.12 38.33 -34.70
C LEU A 364 11.63 38.28 -36.14
N ILE A 365 11.92 37.17 -36.82
CA ILE A 365 11.50 36.96 -38.20
C ILE A 365 11.00 35.51 -38.32
N GLU A 366 9.72 35.35 -38.61
CA GLU A 366 9.10 34.04 -38.80
C GLU A 366 8.85 33.84 -40.30
N VAL A 367 9.37 32.74 -40.83
CA VAL A 367 9.33 32.46 -42.26
C VAL A 367 8.75 31.07 -42.48
N ASN A 368 7.90 30.94 -43.50
CA ASN A 368 7.29 29.67 -43.87
C ASN A 368 7.91 29.20 -45.19
N PRO A 369 8.99 28.43 -45.15
CA PRO A 369 9.61 27.95 -46.40
C PRO A 369 8.77 26.87 -47.06
N PRO A 370 8.92 26.68 -48.37
CA PRO A 370 8.21 25.57 -49.04
C PRO A 370 8.87 24.23 -48.77
N PHE A 371 8.40 23.19 -49.45
CA PHE A 371 8.94 21.85 -49.27
C PHE A 371 10.36 21.77 -49.85
N GLY A 372 10.98 20.62 -49.64
CA GLY A 372 12.28 20.37 -50.26
C GLY A 372 13.37 21.20 -49.62
N ASP A 373 14.19 21.83 -50.48
CA ASP A 373 15.36 22.57 -50.06
C ASP A 373 15.23 24.01 -50.57
N SER A 374 15.33 24.97 -49.66
CA SER A 374 15.26 26.39 -49.99
C SER A 374 16.54 27.07 -49.53
N TYR A 375 16.62 28.37 -49.81
CA TYR A 375 17.77 29.20 -49.43
C TYR A 375 17.26 30.50 -48.84
N ILE A 376 17.50 30.70 -47.55
CA ILE A 376 17.17 31.96 -46.90
C ILE A 376 18.13 33.03 -47.38
N ILE A 377 17.60 34.21 -47.71
CA ILE A 377 18.41 35.34 -48.17
C ILE A 377 18.10 36.53 -47.28
N VAL A 378 19.11 37.00 -46.55
CA VAL A 378 19.00 38.18 -45.69
C VAL A 378 20.09 39.14 -46.13
N GLY A 379 19.72 40.20 -46.84
CA GLY A 379 20.64 41.19 -47.32
C GLY A 379 20.53 41.40 -48.82
N THR A 380 21.26 42.41 -49.29
CA THR A 380 21.29 42.76 -50.71
C THR A 380 22.69 43.18 -51.08
N GLY A 381 23.24 42.56 -52.14
CA GLY A 381 24.58 42.85 -52.56
C GLY A 381 25.62 42.43 -51.54
N ASP A 382 26.23 43.41 -50.88
CA ASP A 382 27.21 43.12 -49.84
C ASP A 382 26.53 42.59 -48.58
N SER A 383 27.26 41.72 -47.86
CA SER A 383 26.86 41.25 -46.53
C SER A 383 25.47 40.61 -46.55
N ARG A 384 25.38 39.50 -47.28
CA ARG A 384 24.16 38.70 -47.35
C ARG A 384 24.24 37.55 -46.36
N LEU A 385 23.23 37.44 -45.50
CA LEU A 385 23.13 36.34 -44.54
C LEU A 385 22.28 35.24 -45.16
N THR A 386 22.93 34.19 -45.66
CA THR A 386 22.25 33.09 -46.33
C THR A 386 22.16 31.88 -45.40
N TYR A 387 21.14 31.07 -45.64
CA TYR A 387 20.92 29.87 -44.83
C TYR A 387 20.07 28.88 -45.63
N GLN A 388 20.40 27.60 -45.50
CA GLN A 388 19.66 26.51 -46.12
C GLN A 388 18.84 25.78 -45.07
N TRP A 389 17.66 25.32 -45.46
CA TRP A 389 16.73 24.70 -44.52
C TRP A 389 15.93 23.62 -45.26
N HIS A 390 16.35 22.37 -45.09
CA HIS A 390 15.61 21.26 -45.68
C HIS A 390 14.31 21.06 -44.92
N LYS A 391 13.20 20.90 -45.66
CA LYS A 391 11.88 20.73 -45.06
C LYS A 391 11.18 19.57 -45.76
N GLU A 392 10.91 18.50 -45.02
CA GLU A 392 10.20 17.35 -45.55
C GLU A 392 8.93 17.09 -44.75
N GLY A 393 8.17 18.15 -44.47
CA GLY A 393 6.97 17.98 -43.66
C GLY A 393 5.97 17.06 -44.33
N SER A 394 5.32 16.23 -43.51
CA SER A 394 4.35 15.28 -44.01
C SER A 394 3.10 15.24 -43.12
N GLN B 1 -15.54 -26.77 -0.12
CA GLN B 1 -14.81 -25.52 -0.07
C GLN B 1 -13.33 -25.72 -0.38
N VAL B 2 -12.49 -24.84 0.14
CA VAL B 2 -11.04 -24.91 0.01
C VAL B 2 -10.45 -25.05 1.40
N GLN B 3 -9.67 -26.10 1.62
CA GLN B 3 -9.16 -26.39 2.95
C GLN B 3 -7.89 -27.22 2.86
N LEU B 4 -7.14 -27.23 3.95
CA LEU B 4 -5.94 -28.05 4.10
C LEU B 4 -6.16 -29.03 5.23
N VAL B 5 -5.87 -30.31 4.97
CA VAL B 5 -6.05 -31.38 5.95
C VAL B 5 -4.68 -31.84 6.40
N GLN B 6 -4.41 -31.76 7.70
CA GLN B 6 -3.12 -32.11 8.26
C GLN B 6 -3.18 -33.50 8.90
N SER B 7 -2.06 -33.89 9.51
CA SER B 7 -1.94 -35.19 10.16
C SER B 7 -2.50 -35.14 11.57
N GLY B 8 -2.54 -36.31 12.21
CA GLY B 8 -3.06 -36.44 13.56
C GLY B 8 -2.01 -36.14 14.61
N ALA B 9 -2.35 -36.46 15.85
CA ALA B 9 -1.45 -36.23 16.96
C ALA B 9 -0.26 -37.18 16.91
N GLU B 10 0.92 -36.67 17.26
CA GLU B 10 2.14 -37.45 17.27
C GLU B 10 2.90 -37.20 18.55
N VAL B 11 3.45 -38.27 19.13
CA VAL B 11 4.27 -38.18 20.33
C VAL B 11 5.59 -38.90 20.04
N LYS B 12 6.71 -38.18 20.17
CA LYS B 12 8.02 -38.74 19.91
C LYS B 12 8.98 -38.32 21.03
N LYS B 13 9.91 -39.21 21.33
CA LYS B 13 10.93 -38.93 22.33
C LYS B 13 12.06 -38.09 21.71
N PRO B 14 12.81 -37.36 22.54
CA PRO B 14 13.83 -36.46 22.00
C PRO B 14 14.84 -37.17 21.12
N GLY B 15 15.21 -36.52 20.02
CA GLY B 15 16.13 -37.07 19.05
C GLY B 15 15.48 -37.81 17.91
N ALA B 16 14.19 -38.12 18.00
CA ALA B 16 13.50 -38.87 16.96
C ALA B 16 13.08 -37.92 15.83
N SER B 17 12.27 -38.42 14.91
CA SER B 17 11.83 -37.66 13.74
C SER B 17 10.31 -37.61 13.69
N VAL B 18 9.79 -36.56 13.06
CA VAL B 18 8.35 -36.36 12.92
C VAL B 18 8.07 -35.96 11.48
N LYS B 19 7.11 -36.63 10.85
CA LYS B 19 6.69 -36.32 9.48
C LYS B 19 5.22 -35.97 9.48
N VAL B 20 4.92 -34.68 9.26
CA VAL B 20 3.56 -34.15 9.29
C VAL B 20 3.06 -34.02 7.86
N SER B 21 1.86 -34.51 7.60
CA SER B 21 1.25 -34.39 6.29
C SER B 21 0.37 -33.14 6.23
N CYS B 22 0.14 -32.68 5.00
CA CYS B 22 -0.75 -31.55 4.75
C CYS B 22 -1.38 -31.76 3.37
N LYS B 23 -2.58 -32.33 3.35
CA LYS B 23 -3.26 -32.68 2.10
C LYS B 23 -4.08 -31.48 1.62
N ALA B 24 -3.58 -30.80 0.60
CA ALA B 24 -4.35 -29.71 0.00
C ALA B 24 -5.54 -30.26 -0.77
N SER B 25 -6.64 -29.51 -0.74
CA SER B 25 -7.85 -29.93 -1.41
C SER B 25 -8.70 -28.70 -1.73
N GLY B 26 -9.24 -28.67 -2.95
CA GLY B 26 -10.16 -27.64 -3.36
C GLY B 26 -9.61 -26.62 -4.33
N TYR B 27 -8.30 -26.59 -4.57
CA TYR B 27 -7.71 -25.63 -5.48
C TYR B 27 -6.66 -26.33 -6.34
N THR B 28 -6.04 -25.56 -7.23
CA THR B 28 -4.97 -26.06 -8.08
C THR B 28 -3.68 -26.11 -7.27
N PHE B 29 -3.32 -27.30 -6.79
CA PHE B 29 -2.17 -27.48 -5.93
C PHE B 29 -0.84 -27.37 -6.69
N ILE B 30 -0.87 -27.38 -8.01
CA ILE B 30 0.37 -27.33 -8.78
C ILE B 30 1.07 -26.00 -8.57
N ALA B 31 0.31 -24.92 -8.50
CA ALA B 31 0.82 -23.64 -8.03
C ALA B 31 0.58 -23.55 -6.52
N TYR B 32 0.75 -22.37 -5.94
CA TYR B 32 0.39 -22.10 -4.55
C TYR B 32 1.18 -23.00 -3.59
N GLY B 33 2.48 -22.76 -3.55
CA GLY B 33 3.34 -23.50 -2.64
C GLY B 33 2.90 -23.37 -1.20
N ILE B 34 3.18 -24.41 -0.42
CA ILE B 34 2.68 -24.57 0.94
C ILE B 34 3.81 -24.26 1.91
N SER B 35 3.58 -23.31 2.81
CA SER B 35 4.52 -22.90 3.83
C SER B 35 4.11 -23.44 5.19
N TRP B 36 5.07 -23.46 6.13
CA TRP B 36 4.88 -24.07 7.44
C TRP B 36 5.12 -23.05 8.54
N VAL B 37 4.22 -23.00 9.52
CA VAL B 37 4.35 -22.16 10.71
C VAL B 37 4.07 -23.04 11.93
N ARG B 38 4.66 -22.66 13.07
CA ARG B 38 4.49 -23.39 14.32
C ARG B 38 4.12 -22.42 15.43
N GLN B 39 3.78 -22.98 16.59
CA GLN B 39 3.40 -22.18 17.75
C GLN B 39 3.74 -22.94 19.03
N ALA B 40 4.80 -22.52 19.70
CA ALA B 40 5.07 -23.04 21.03
C ALA B 40 4.02 -22.53 22.00
N PRO B 41 3.69 -23.32 23.04
CA PRO B 41 2.68 -22.88 24.00
C PRO B 41 3.09 -21.58 24.69
N GLY B 42 2.22 -20.58 24.60
CA GLY B 42 2.50 -19.29 25.18
C GLY B 42 3.27 -18.38 24.23
N GLN B 43 4.29 -18.95 23.58
CA GLN B 43 5.09 -18.19 22.63
C GLN B 43 4.28 -17.88 21.37
N GLY B 44 4.69 -16.82 20.67
CA GLY B 44 4.02 -16.43 19.44
C GLY B 44 4.30 -17.35 18.27
N LEU B 45 4.05 -16.87 17.06
CA LEU B 45 4.25 -17.64 15.85
C LEU B 45 5.61 -17.32 15.23
N GLU B 46 6.18 -18.33 14.56
CA GLU B 46 7.39 -18.13 13.79
C GLU B 46 7.40 -19.13 12.63
N TRP B 47 7.92 -18.68 11.50
CA TRP B 47 7.90 -19.45 10.26
C TRP B 47 9.12 -20.35 10.19
N MET B 48 8.89 -21.63 9.89
CA MET B 48 9.97 -22.61 9.87
C MET B 48 10.58 -22.77 8.47
N GLY B 49 9.76 -23.18 7.50
CA GLY B 49 10.24 -23.43 6.16
C GLY B 49 9.15 -23.17 5.14
N TRP B 50 9.51 -23.36 3.87
CA TRP B 50 8.59 -23.12 2.78
C TRP B 50 8.96 -24.01 1.60
N ILE B 51 7.94 -24.44 0.86
CA ILE B 51 8.12 -25.26 -0.33
C ILE B 51 7.17 -24.76 -1.41
N SER B 52 7.47 -25.13 -2.65
CA SER B 52 6.59 -24.91 -3.79
C SER B 52 6.23 -26.25 -4.40
N ALA B 53 5.33 -26.23 -5.38
CA ALA B 53 4.98 -27.41 -6.17
C ALA B 53 5.50 -27.33 -7.60
N HIS B 54 5.15 -26.27 -8.32
CA HIS B 54 5.83 -25.93 -9.56
C HIS B 54 7.12 -25.20 -9.22
N ASN B 55 8.21 -25.59 -9.87
CA ASN B 55 9.56 -25.09 -9.53
C ASN B 55 9.87 -25.42 -8.07
N GLY B 56 10.01 -26.71 -7.81
CA GLY B 56 10.02 -27.28 -6.48
C GLY B 56 11.06 -26.79 -5.49
N ASN B 57 11.90 -25.83 -5.91
CA ASN B 57 12.88 -25.24 -5.01
C ASN B 57 12.24 -24.80 -3.70
N THR B 58 12.99 -24.94 -2.61
CA THR B 58 12.48 -24.68 -1.27
C THR B 58 13.36 -23.66 -0.56
N ASN B 59 12.91 -23.23 0.61
CA ASN B 59 13.65 -22.31 1.45
C ASN B 59 13.35 -22.62 2.91
N TYR B 60 14.35 -22.43 3.77
CA TYR B 60 14.25 -22.77 5.18
C TYR B 60 14.77 -21.62 6.03
N ALA B 61 14.22 -21.50 7.23
CA ALA B 61 14.71 -20.52 8.18
C ALA B 61 16.12 -20.88 8.63
N GLN B 62 16.92 -19.85 8.93
CA GLN B 62 18.32 -20.06 9.27
C GLN B 62 18.47 -20.85 10.56
N LYS B 63 17.55 -20.66 11.51
CA LYS B 63 17.64 -21.39 12.77
C LYS B 63 17.28 -22.86 12.60
N PHE B 64 16.43 -23.19 11.63
CA PHE B 64 15.96 -24.56 11.43
C PHE B 64 16.54 -25.19 10.17
N GLN B 65 17.68 -24.70 9.70
CA GLN B 65 18.24 -25.17 8.43
C GLN B 65 18.68 -26.62 8.52
N GLY B 66 19.39 -26.99 9.59
CA GLY B 66 19.97 -28.30 9.69
C GLY B 66 19.06 -29.41 10.13
N ARG B 67 17.79 -29.12 10.39
CA ARG B 67 16.86 -30.11 10.93
C ARG B 67 15.70 -30.43 9.99
N VAL B 68 14.98 -29.42 9.52
CA VAL B 68 13.74 -29.67 8.77
C VAL B 68 14.07 -30.03 7.33
N THR B 69 13.20 -30.85 6.73
CA THR B 69 13.26 -31.18 5.31
C THR B 69 11.83 -31.34 4.82
N VAL B 70 11.44 -30.53 3.85
CA VAL B 70 10.07 -30.48 3.36
C VAL B 70 10.02 -31.14 1.99
N THR B 71 9.04 -32.04 1.80
CA THR B 71 8.86 -32.76 0.56
C THR B 71 7.41 -32.60 0.10
N THR B 72 7.17 -32.91 -1.18
CA THR B 72 5.86 -32.79 -1.77
C THR B 72 5.50 -34.07 -2.51
N ASP B 73 4.20 -34.25 -2.75
CA ASP B 73 3.68 -35.41 -3.47
C ASP B 73 2.58 -34.89 -4.40
N THR B 74 2.92 -34.71 -5.68
CA THR B 74 2.01 -34.09 -6.62
C THR B 74 0.79 -34.97 -6.89
N THR B 75 1.01 -36.26 -7.14
CA THR B 75 -0.09 -37.16 -7.46
C THR B 75 -1.02 -37.35 -6.28
N THR B 76 -0.46 -37.46 -5.07
CA THR B 76 -1.26 -37.67 -3.87
C THR B 76 -1.86 -36.39 -3.32
N ARG B 77 -1.46 -35.23 -3.85
CA ARG B 77 -1.99 -33.93 -3.42
C ARG B 77 -1.69 -33.69 -1.94
N THR B 78 -0.42 -33.84 -1.56
CA THR B 78 -0.03 -33.74 -0.17
C THR B 78 1.31 -33.02 -0.05
N ALA B 79 1.47 -32.29 1.05
CA ALA B 79 2.72 -31.61 1.38
C ALA B 79 3.21 -32.11 2.73
N PHE B 80 4.49 -32.44 2.80
CA PHE B 80 5.08 -33.07 3.96
C PHE B 80 5.98 -32.10 4.72
N MET B 81 6.41 -32.55 5.90
CA MET B 81 7.43 -31.86 6.67
C MET B 81 8.09 -32.87 7.59
N GLU B 82 9.39 -33.08 7.43
CA GLU B 82 10.15 -33.97 8.30
C GLU B 82 10.98 -33.12 9.25
N LEU B 83 10.81 -33.36 10.54
CA LEU B 83 11.56 -32.65 11.58
C LEU B 83 12.59 -33.59 12.18
N ARG B 84 13.84 -33.16 12.21
CA ARG B 84 14.94 -33.99 12.69
C ARG B 84 14.98 -34.03 14.20
N ASN B 85 16.11 -34.45 14.75
CA ASN B 85 16.31 -34.69 16.18
C ASN B 85 15.63 -33.63 17.03
N LEU B 86 14.82 -34.09 17.98
CA LEU B 86 13.87 -33.23 18.69
C LEU B 86 14.46 -32.80 20.02
N ARG B 87 14.41 -31.50 20.29
CA ARG B 87 14.80 -30.97 21.59
C ARG B 87 13.57 -30.90 22.48
N SER B 88 13.70 -30.23 23.64
CA SER B 88 12.57 -30.10 24.54
C SER B 88 11.65 -28.96 24.13
N ASP B 89 12.22 -27.83 23.70
CA ASP B 89 11.43 -26.68 23.30
C ASP B 89 10.72 -26.87 21.97
N ASP B 90 10.99 -27.96 21.26
CA ASP B 90 10.34 -28.22 19.99
C ASP B 90 8.89 -28.65 20.13
N THR B 91 8.37 -28.72 21.36
CA THR B 91 6.96 -29.02 21.58
C THR B 91 6.12 -27.83 21.17
N ALA B 92 5.25 -28.02 20.18
CA ALA B 92 4.46 -26.92 19.63
C ALA B 92 3.31 -27.50 18.81
N VAL B 93 2.53 -26.61 18.21
CA VAL B 93 1.48 -26.96 17.26
C VAL B 93 1.93 -26.45 15.89
N TYR B 94 1.96 -27.35 14.91
CA TYR B 94 2.55 -27.05 13.61
C TYR B 94 1.45 -26.90 12.56
N TYR B 95 1.50 -25.81 11.80
CA TYR B 95 0.51 -25.49 10.80
C TYR B 95 1.14 -25.45 9.41
N CYS B 96 0.38 -25.89 8.41
CA CYS B 96 0.73 -25.69 7.02
C CYS B 96 -0.19 -24.64 6.42
N ALA B 97 0.38 -23.72 5.64
CA ALA B 97 -0.37 -22.60 5.10
C ALA B 97 -0.13 -22.48 3.60
N ARG B 98 -1.22 -22.21 2.87
CA ARG B 98 -1.12 -21.88 1.46
C ARG B 98 -0.35 -20.58 1.28
N ALA B 99 0.45 -20.52 0.22
CA ALA B 99 1.33 -19.39 -0.01
C ALA B 99 1.60 -19.30 -1.51
N PRO B 100 2.06 -18.15 -2.00
CA PRO B 100 2.47 -18.05 -3.41
C PRO B 100 3.58 -19.04 -3.73
N TRP B 101 3.86 -19.20 -5.03
CA TRP B 101 4.77 -20.23 -5.50
C TRP B 101 6.15 -19.72 -5.88
N GLU B 102 6.31 -18.43 -6.14
CA GLU B 102 7.61 -17.91 -6.55
C GLU B 102 8.05 -16.71 -5.70
N TYR B 103 7.08 -15.95 -5.18
CA TYR B 103 7.36 -14.80 -4.32
C TYR B 103 8.11 -13.70 -5.09
N ASN B 104 7.71 -13.45 -6.34
CA ASN B 104 8.39 -12.49 -7.18
C ASN B 104 7.51 -11.27 -7.47
N TYR B 105 6.64 -10.92 -6.54
CA TYR B 105 5.86 -9.68 -6.52
C TYR B 105 4.76 -9.67 -7.58
N ARG B 106 4.83 -10.56 -8.57
CA ARG B 106 3.66 -10.91 -9.37
C ARG B 106 3.94 -12.24 -10.08
N SER B 107 3.48 -13.35 -9.50
CA SER B 107 3.45 -14.55 -10.33
C SER B 107 2.06 -15.17 -10.38
N SER B 108 1.61 -15.69 -9.24
CA SER B 108 0.29 -16.33 -9.14
C SER B 108 -0.03 -16.42 -7.65
N GLY B 109 -0.96 -15.59 -7.19
CA GLY B 109 -1.37 -15.65 -5.80
C GLY B 109 -0.48 -14.91 -4.83
N TYR B 110 0.40 -14.02 -5.32
CA TYR B 110 1.18 -13.19 -4.41
C TYR B 110 0.29 -12.29 -3.58
N TYR B 111 -0.97 -12.08 -4.00
CA TYR B 111 -1.93 -11.26 -3.28
C TYR B 111 -3.21 -12.06 -3.04
N ASP B 112 -3.08 -13.34 -2.71
CA ASP B 112 -4.23 -14.19 -2.44
C ASP B 112 -4.26 -14.61 -0.97
N SER B 113 -5.46 -14.90 -0.49
CA SER B 113 -5.67 -15.22 0.92
C SER B 113 -4.99 -16.53 1.28
N PRO B 114 -4.09 -16.55 2.27
CA PRO B 114 -3.43 -17.80 2.67
C PRO B 114 -4.32 -18.60 3.62
N TYR B 115 -4.73 -19.78 3.17
CA TYR B 115 -5.51 -20.65 4.03
C TYR B 115 -4.61 -21.43 4.97
N TRP B 116 -5.19 -21.90 6.08
CA TRP B 116 -4.46 -22.62 7.11
C TRP B 116 -5.14 -23.95 7.38
N GLY B 117 -4.33 -24.94 7.73
CA GLY B 117 -4.83 -26.26 8.07
C GLY B 117 -5.20 -26.37 9.53
N GLN B 118 -5.45 -27.60 9.95
CA GLN B 118 -5.78 -27.89 11.35
C GLN B 118 -4.50 -27.86 12.17
N GLY B 119 -4.60 -28.26 13.44
CA GLY B 119 -3.44 -28.32 14.30
C GLY B 119 -2.73 -29.65 14.24
N THR B 120 -1.43 -29.62 14.52
CA THR B 120 -0.61 -30.83 14.64
C THR B 120 0.10 -30.72 15.99
N LEU B 121 -0.49 -31.31 17.02
CA LEU B 121 -0.01 -31.19 18.39
C LEU B 121 1.14 -32.16 18.59
N VAL B 122 2.37 -31.63 18.55
CA VAL B 122 3.57 -32.43 18.76
C VAL B 122 4.03 -32.21 20.19
N THR B 123 3.99 -33.28 20.99
CA THR B 123 4.38 -33.23 22.39
C THR B 123 5.60 -34.14 22.56
N VAL B 124 6.77 -33.54 22.78
CA VAL B 124 8.01 -34.28 22.92
C VAL B 124 8.50 -34.10 24.36
N SER B 125 8.68 -35.22 25.06
CA SER B 125 9.23 -35.34 26.40
C SER B 125 9.51 -36.81 26.65
N SER B 126 10.48 -37.08 27.53
CA SER B 126 11.00 -38.44 27.67
C SER B 126 9.94 -39.41 28.21
N ALA B 127 9.14 -38.97 29.17
CA ALA B 127 8.30 -39.85 29.98
C ALA B 127 7.14 -40.42 29.16
N SER B 128 6.45 -41.38 29.78
CA SER B 128 5.29 -42.07 29.22
C SER B 128 4.05 -41.68 30.02
N THR B 129 2.94 -42.38 29.75
CA THR B 129 1.67 -42.08 30.39
C THR B 129 1.76 -42.30 31.90
N LYS B 130 1.07 -41.44 32.65
CA LYS B 130 0.96 -41.58 34.10
C LYS B 130 -0.40 -41.05 34.56
N GLY B 131 -0.96 -41.70 35.57
CA GLY B 131 -2.19 -41.23 36.17
C GLY B 131 -1.93 -40.07 37.12
N PRO B 132 -2.95 -39.25 37.37
CA PRO B 132 -2.77 -38.08 38.24
C PRO B 132 -2.76 -38.45 39.71
N SER B 133 -1.93 -37.73 40.46
CA SER B 133 -1.89 -37.85 41.92
C SER B 133 -2.60 -36.64 42.51
N VAL B 134 -3.78 -36.86 43.07
CA VAL B 134 -4.63 -35.79 43.56
C VAL B 134 -4.32 -35.54 45.03
N PHE B 135 -4.01 -34.28 45.37
CA PHE B 135 -3.75 -33.88 46.73
C PHE B 135 -4.60 -32.67 47.08
N PRO B 136 -5.13 -32.60 48.30
CA PRO B 136 -6.04 -31.51 48.66
C PRO B 136 -5.31 -30.30 49.23
N LEU B 137 -5.99 -29.17 49.15
CA LEU B 137 -5.53 -27.90 49.71
C LEU B 137 -6.58 -27.43 50.71
N ALA B 138 -6.44 -27.85 51.96
CA ALA B 138 -7.44 -27.58 52.99
C ALA B 138 -7.37 -26.12 53.43
N PRO B 139 -8.54 -25.50 53.70
CA PRO B 139 -8.54 -24.11 54.18
C PRO B 139 -8.10 -24.00 55.64
N SER B 140 -8.02 -22.77 56.15
CA SER B 140 -7.62 -22.55 57.53
C SER B 140 -8.50 -21.49 58.20
N GLY B 147 -10.75 -13.61 55.18
CA GLY B 147 -12.18 -13.62 55.42
C GLY B 147 -12.92 -14.69 54.65
N THR B 148 -13.05 -14.50 53.35
CA THR B 148 -13.71 -15.49 52.50
C THR B 148 -12.84 -16.74 52.37
N ALA B 149 -13.42 -17.89 52.66
CA ALA B 149 -12.67 -19.14 52.64
C ALA B 149 -12.36 -19.58 51.21
N ALA B 150 -11.18 -20.19 51.05
CA ALA B 150 -10.74 -20.71 49.77
C ALA B 150 -10.20 -22.12 49.96
N LEU B 151 -10.55 -23.01 49.04
CA LEU B 151 -10.10 -24.40 49.10
C LEU B 151 -10.02 -24.94 47.69
N GLY B 152 -9.20 -25.97 47.51
CA GLY B 152 -9.02 -26.54 46.19
C GLY B 152 -8.25 -27.84 46.25
N CYS B 153 -8.03 -28.41 45.07
CA CYS B 153 -7.31 -29.66 44.90
C CYS B 153 -6.12 -29.44 43.98
N LEU B 154 -5.06 -30.20 44.21
CA LEU B 154 -3.83 -30.10 43.42
C LEU B 154 -3.70 -31.38 42.59
N VAL B 155 -4.07 -31.28 41.32
CA VAL B 155 -3.89 -32.40 40.38
C VAL B 155 -2.42 -32.43 40.00
N LYS B 156 -1.68 -33.36 40.57
CA LYS B 156 -0.22 -33.38 40.48
C LYS B 156 0.27 -34.64 39.77
N ASP B 157 1.36 -34.48 39.02
CA ASP B 157 2.10 -35.59 38.42
C ASP B 157 1.21 -36.42 37.50
N TYR B 158 0.75 -35.79 36.43
CA TYR B 158 -0.06 -36.46 35.41
C TYR B 158 0.49 -36.16 34.03
N PHE B 159 0.32 -37.14 33.13
CA PHE B 159 0.80 -37.05 31.76
C PHE B 159 -0.01 -38.00 30.89
N PRO B 160 -0.54 -37.54 29.74
CA PRO B 160 -0.45 -36.15 29.28
C PRO B 160 -1.76 -35.38 29.53
N GLU B 161 -1.83 -34.17 28.98
CA GLU B 161 -3.08 -33.40 29.02
C GLU B 161 -4.16 -34.13 28.23
N PRO B 162 -5.44 -33.89 28.53
CA PRO B 162 -6.00 -32.93 29.51
C PRO B 162 -6.47 -33.58 30.79
N VAL B 163 -7.12 -32.78 31.65
CA VAL B 163 -7.75 -33.27 32.87
C VAL B 163 -8.93 -32.35 33.17
N THR B 164 -10.05 -32.96 33.55
CA THR B 164 -11.28 -32.24 33.83
C THR B 164 -11.53 -32.27 35.33
N VAL B 165 -11.42 -31.13 35.99
CA VAL B 165 -11.63 -31.01 37.43
C VAL B 165 -13.02 -30.42 37.63
N SER B 166 -13.98 -31.27 37.97
CA SER B 166 -15.34 -30.85 38.25
C SER B 166 -15.56 -30.84 39.76
N TRP B 167 -16.23 -29.80 40.25
CA TRP B 167 -16.41 -29.61 41.69
C TRP B 167 -17.82 -30.03 42.10
N ASN B 168 -17.91 -30.80 43.18
CA ASN B 168 -19.18 -31.28 43.72
C ASN B 168 -19.97 -32.05 42.67
N SER B 169 -19.26 -32.76 41.78
CA SER B 169 -19.86 -33.48 40.66
C SER B 169 -20.70 -32.57 39.78
N GLY B 170 -20.29 -31.31 39.64
CA GLY B 170 -20.98 -30.36 38.79
C GLY B 170 -21.93 -29.41 39.49
N ALA B 171 -21.85 -29.27 40.82
CA ALA B 171 -22.72 -28.37 41.55
C ALA B 171 -22.11 -27.01 41.84
N LEU B 172 -20.82 -26.81 41.51
CA LEU B 172 -20.13 -25.56 41.80
C LEU B 172 -19.68 -24.92 40.49
N THR B 173 -20.08 -23.67 40.27
CA THR B 173 -19.59 -22.91 39.12
C THR B 173 -19.30 -21.46 39.49
N SER B 174 -19.37 -21.10 40.77
CA SER B 174 -19.12 -19.73 41.22
C SER B 174 -17.76 -19.66 41.88
N GLY B 175 -16.89 -18.79 41.37
CA GLY B 175 -15.58 -18.61 41.96
C GLY B 175 -14.66 -19.80 41.80
N VAL B 176 -14.90 -20.66 40.81
CA VAL B 176 -14.06 -21.81 40.55
C VAL B 176 -13.08 -21.41 39.45
N HIS B 177 -11.83 -21.15 39.84
CA HIS B 177 -10.77 -20.79 38.89
C HIS B 177 -9.88 -22.00 38.69
N THR B 178 -10.18 -22.78 37.65
CA THR B 178 -9.34 -23.92 37.29
C THR B 178 -8.16 -23.40 36.49
N PHE B 179 -6.95 -23.55 37.05
CA PHE B 179 -5.79 -22.90 36.47
C PHE B 179 -5.22 -23.72 35.31
N PRO B 180 -4.56 -23.05 34.36
CA PRO B 180 -3.83 -23.79 33.32
C PRO B 180 -2.68 -24.58 33.92
N ALA B 181 -2.33 -25.67 33.24
CA ALA B 181 -1.30 -26.56 33.73
C ALA B 181 0.09 -26.00 33.41
N VAL B 182 1.08 -26.50 34.15
CA VAL B 182 2.48 -26.17 33.94
C VAL B 182 3.27 -27.46 33.89
N LEU B 183 4.41 -27.42 33.20
CA LEU B 183 5.30 -28.57 33.09
C LEU B 183 6.42 -28.42 34.10
N GLN B 184 6.59 -29.43 34.95
CA GLN B 184 7.64 -29.40 35.96
C GLN B 184 8.99 -29.76 35.34
N SER B 185 10.01 -29.84 36.19
CA SER B 185 11.33 -30.24 35.74
C SER B 185 11.45 -31.73 35.49
N SER B 186 10.45 -32.52 35.90
CA SER B 186 10.45 -33.96 35.68
C SER B 186 9.66 -34.39 34.45
N GLY B 187 8.95 -33.47 33.81
CA GLY B 187 8.19 -33.80 32.61
C GLY B 187 6.75 -34.18 32.84
N LEU B 188 6.21 -33.99 34.03
CA LEU B 188 4.82 -34.31 34.35
C LEU B 188 4.10 -33.04 34.76
N TYR B 189 2.93 -32.81 34.17
CA TYR B 189 2.17 -31.59 34.46
C TYR B 189 1.59 -31.64 35.87
N SER B 190 1.19 -30.46 36.36
CA SER B 190 0.51 -30.34 37.64
C SER B 190 -0.17 -28.98 37.69
N LEU B 191 -1.47 -28.98 37.98
CA LEU B 191 -2.25 -27.75 38.07
C LEU B 191 -3.01 -27.74 39.40
N SER B 192 -3.69 -26.63 39.65
CA SER B 192 -4.53 -26.47 40.83
C SER B 192 -5.89 -25.95 40.41
N SER B 193 -6.93 -26.42 41.09
CA SER B 193 -8.31 -25.96 40.86
C SER B 193 -8.90 -25.62 42.22
N VAL B 194 -9.13 -24.33 42.45
CA VAL B 194 -9.58 -23.85 43.75
C VAL B 194 -10.94 -23.17 43.60
N VAL B 195 -11.63 -23.03 44.74
CA VAL B 195 -12.93 -22.40 44.80
C VAL B 195 -12.97 -21.49 46.01
N THR B 196 -13.61 -20.32 45.85
CA THR B 196 -13.79 -19.37 46.94
C THR B 196 -15.21 -19.54 47.48
N VAL B 197 -15.31 -20.04 48.72
CA VAL B 197 -16.61 -20.31 49.32
C VAL B 197 -16.78 -19.46 50.58
N PRO B 198 -18.00 -19.09 50.94
CA PRO B 198 -18.21 -18.36 52.19
C PRO B 198 -17.90 -19.24 53.39
N SER B 199 -17.60 -18.58 54.51
CA SER B 199 -17.21 -19.28 55.73
C SER B 199 -18.34 -20.13 56.31
N SER B 200 -19.60 -19.79 56.02
CA SER B 200 -20.72 -20.55 56.58
C SER B 200 -20.88 -21.90 55.91
N SER B 201 -20.45 -22.03 54.65
CA SER B 201 -20.62 -23.25 53.89
C SER B 201 -19.49 -24.25 54.09
N LEU B 202 -18.58 -23.97 55.03
CA LEU B 202 -17.43 -24.85 55.24
C LEU B 202 -17.83 -26.12 56.00
N GLY B 203 -18.33 -25.96 57.22
CA GLY B 203 -18.68 -27.06 58.08
C GLY B 203 -20.10 -27.56 57.95
N THR B 204 -20.84 -27.08 56.96
CA THR B 204 -22.23 -27.49 56.74
C THR B 204 -22.42 -28.27 55.45
N GLN B 205 -21.92 -27.74 54.33
CA GLN B 205 -21.97 -28.45 53.06
C GLN B 205 -20.84 -29.48 53.00
N THR B 206 -20.67 -30.10 51.85
CA THR B 206 -19.59 -31.05 51.64
C THR B 206 -19.00 -30.81 50.26
N TYR B 207 -17.69 -30.59 50.19
CA TYR B 207 -17.01 -30.26 48.94
C TYR B 207 -16.17 -31.46 48.48
N ILE B 208 -16.32 -31.81 47.22
CA ILE B 208 -15.57 -32.90 46.60
C ILE B 208 -15.06 -32.42 45.25
N CYS B 209 -13.78 -32.65 44.97
CA CYS B 209 -13.21 -32.35 43.66
C CYS B 209 -13.15 -33.64 42.86
N ASN B 210 -13.80 -33.63 41.70
CA ASN B 210 -13.88 -34.81 40.84
C ASN B 210 -12.90 -34.64 39.69
N VAL B 211 -11.83 -35.44 39.71
CA VAL B 211 -10.80 -35.40 38.67
C VAL B 211 -11.01 -36.59 37.74
N ASN B 212 -11.07 -36.32 36.44
CA ASN B 212 -11.24 -37.36 35.44
C ASN B 212 -10.11 -37.23 34.42
N HIS B 213 -9.29 -38.26 34.33
CA HIS B 213 -8.18 -38.32 33.38
C HIS B 213 -8.53 -39.35 32.31
N LYS B 214 -8.63 -38.89 31.07
CA LYS B 214 -9.04 -39.76 29.97
C LYS B 214 -7.91 -40.67 29.46
N PRO B 215 -6.69 -40.17 29.25
CA PRO B 215 -5.63 -41.07 28.74
C PRO B 215 -5.40 -42.30 29.61
N SER B 216 -5.43 -42.14 30.93
CA SER B 216 -5.27 -43.26 31.84
C SER B 216 -6.60 -43.81 32.35
N ASN B 217 -7.71 -43.17 32.01
CA ASN B 217 -9.04 -43.55 32.50
C ASN B 217 -9.07 -43.62 34.02
N THR B 218 -8.32 -42.73 34.66
CA THR B 218 -8.27 -42.61 36.11
C THR B 218 -9.21 -41.50 36.56
N LYS B 219 -10.13 -41.84 37.47
CA LYS B 219 -11.16 -40.91 37.93
C LYS B 219 -11.07 -40.82 39.45
N VAL B 220 -10.67 -39.65 39.95
CA VAL B 220 -10.43 -39.42 41.37
C VAL B 220 -11.43 -38.40 41.89
N ASP B 221 -12.07 -38.70 43.02
CA ASP B 221 -13.03 -37.82 43.67
C ASP B 221 -12.58 -37.60 45.11
N LYS B 222 -11.82 -36.53 45.36
CA LYS B 222 -11.29 -36.22 46.67
C LYS B 222 -12.14 -35.17 47.37
N ARG B 223 -12.39 -35.38 48.65
CA ARG B 223 -13.12 -34.44 49.49
C ARG B 223 -12.14 -33.63 50.33
N VAL B 224 -12.40 -32.33 50.45
CA VAL B 224 -11.52 -31.42 51.18
C VAL B 224 -12.14 -31.17 52.55
N GLU B 225 -11.48 -31.68 53.59
CA GLU B 225 -11.88 -31.45 54.97
C GLU B 225 -10.91 -30.48 55.63
N PRO B 226 -11.40 -29.41 56.27
CA PRO B 226 -10.57 -28.39 56.93
C PRO B 226 -9.65 -28.96 58.00
N ILE C 2 14.87 -8.09 7.77
CA ILE C 2 13.55 -7.50 7.76
C ILE C 2 12.85 -7.74 9.09
N VAL C 3 12.80 -6.70 9.92
CA VAL C 3 12.27 -6.79 11.28
C VAL C 3 10.88 -6.20 11.31
N LEU C 4 10.05 -6.70 12.24
CA LEU C 4 8.71 -6.19 12.46
C LEU C 4 8.61 -5.63 13.88
N THR C 5 7.70 -4.68 14.06
CA THR C 5 7.48 -4.05 15.36
C THR C 5 5.98 -3.84 15.54
N GLN C 6 5.36 -4.67 16.37
CA GLN C 6 3.93 -4.59 16.63
C GLN C 6 3.69 -3.92 17.98
N SER C 7 2.90 -2.85 17.98
CA SER C 7 2.56 -2.10 19.18
C SER C 7 1.10 -1.69 19.11
N PRO C 8 0.41 -1.61 20.26
CA PRO C 8 0.87 -1.93 21.60
C PRO C 8 0.81 -3.42 21.92
N GLY C 9 1.44 -3.83 23.02
CA GLY C 9 1.43 -5.21 23.44
C GLY C 9 0.13 -5.65 24.09
N THR C 10 -0.20 -5.02 25.23
CA THR C 10 -1.42 -5.33 25.97
C THR C 10 -2.36 -4.12 25.86
N LEU C 11 -3.55 -4.35 25.31
CA LEU C 11 -4.53 -3.30 25.12
C LEU C 11 -5.71 -3.54 26.05
N SER C 12 -6.11 -2.50 26.77
CA SER C 12 -7.21 -2.56 27.74
C SER C 12 -8.29 -1.59 27.30
N LEU C 13 -9.27 -2.11 26.55
CA LEU C 13 -10.37 -1.29 26.04
C LEU C 13 -11.70 -1.97 26.39
N SER C 14 -12.66 -1.15 26.78
CA SER C 14 -14.00 -1.64 27.08
C SER C 14 -14.80 -1.81 25.78
N PRO C 15 -15.82 -2.68 25.80
CA PRO C 15 -16.64 -2.87 24.59
C PRO C 15 -17.29 -1.57 24.15
N GLY C 16 -17.42 -1.41 22.83
CA GLY C 16 -18.02 -0.24 22.24
C GLY C 16 -17.03 0.83 21.81
N GLU C 17 -15.80 0.78 22.31
CA GLU C 17 -14.80 1.77 21.97
C GLU C 17 -14.12 1.39 20.64
N ARG C 18 -13.12 2.18 20.27
CA ARG C 18 -12.44 2.04 18.99
C ARG C 18 -11.02 1.52 19.22
N ALA C 19 -10.64 0.50 18.45
CA ALA C 19 -9.32 -0.11 18.56
C ALA C 19 -8.44 0.31 17.40
N THR C 20 -7.14 0.32 17.64
CA THR C 20 -6.17 0.70 16.62
C THR C 20 -4.83 0.03 16.94
N LEU C 21 -4.42 -0.90 16.09
CA LEU C 21 -3.17 -1.62 16.25
C LEU C 21 -2.16 -1.12 15.22
N SER C 22 -0.89 -1.35 15.50
CA SER C 22 0.19 -0.89 14.63
C SER C 22 1.22 -2.01 14.46
N CYS C 23 1.41 -2.45 13.23
CA CYS C 23 2.45 -3.42 12.87
C CYS C 23 3.47 -2.67 12.04
N ARG C 24 4.44 -2.03 12.73
CA ARG C 24 5.42 -1.18 12.06
C ARG C 24 6.42 -2.06 11.31
N ALA C 25 6.40 -1.97 9.98
CA ALA C 25 7.23 -2.82 9.14
C ALA C 25 8.56 -2.15 8.82
N SER C 26 9.45 -2.93 8.19
CA SER C 26 10.77 -2.41 7.83
C SER C 26 10.68 -1.44 6.66
N GLN C 27 10.05 -1.86 5.57
CA GLN C 27 9.88 -1.01 4.40
C GLN C 27 8.58 -1.37 3.70
N SER C 28 7.78 -0.35 3.39
CA SER C 28 6.51 -0.55 2.71
C SER C 28 6.69 -0.19 1.24
N VAL C 29 6.63 -1.21 0.39
CA VAL C 29 6.79 -1.05 -1.05
C VAL C 29 5.57 -1.68 -1.74
N VAL C 30 5.54 -1.57 -3.06
CA VAL C 30 4.41 -2.12 -3.83
C VAL C 30 4.25 -3.61 -3.58
N SER C 31 5.35 -4.32 -3.36
CA SER C 31 5.32 -5.74 -3.02
C SER C 31 5.50 -5.87 -1.50
N THR C 32 4.40 -5.74 -0.78
CA THR C 32 4.42 -5.91 0.67
C THR C 32 3.11 -6.54 1.10
N TYR C 33 3.21 -7.74 1.67
CA TYR C 33 2.04 -8.53 2.08
C TYR C 33 1.98 -8.54 3.60
N LEU C 34 0.81 -8.23 4.16
CA LEU C 34 0.65 -8.17 5.62
C LEU C 34 -0.69 -8.79 5.98
N ALA C 35 -0.68 -10.06 6.39
CA ALA C 35 -1.91 -10.74 6.79
C ALA C 35 -2.12 -10.56 8.29
N TRP C 36 -3.28 -10.03 8.67
CA TRP C 36 -3.65 -9.90 10.08
C TRP C 36 -4.33 -11.17 10.56
N TYR C 37 -4.40 -11.31 11.89
CA TYR C 37 -4.92 -12.54 12.48
C TYR C 37 -5.59 -12.24 13.80
N GLN C 38 -6.43 -13.18 14.24
CA GLN C 38 -7.04 -13.15 15.55
C GLN C 38 -6.92 -14.55 16.15
N GLN C 39 -6.34 -14.64 17.36
CA GLN C 39 -6.11 -15.91 18.02
C GLN C 39 -6.78 -15.91 19.39
N LYS C 40 -7.81 -16.73 19.53
CA LYS C 40 -8.40 -16.98 20.84
C LYS C 40 -7.63 -18.09 21.54
N PRO C 41 -7.44 -17.99 22.87
CA PRO C 41 -6.70 -19.03 23.60
C PRO C 41 -7.39 -20.37 23.47
N GLY C 42 -6.70 -21.33 22.84
CA GLY C 42 -7.25 -22.65 22.62
C GLY C 42 -7.76 -22.92 21.22
N GLN C 43 -7.50 -22.03 20.27
CA GLN C 43 -7.96 -22.21 18.90
C GLN C 43 -6.90 -21.74 17.92
N ALA C 44 -7.02 -22.22 16.68
CA ALA C 44 -6.15 -21.81 15.61
C ALA C 44 -6.50 -20.38 15.17
N PRO C 45 -5.52 -19.65 14.63
CA PRO C 45 -5.82 -18.29 14.14
C PRO C 45 -6.79 -18.31 12.97
N ARG C 46 -7.75 -17.39 13.00
CA ARG C 46 -8.70 -17.21 11.92
C ARG C 46 -8.23 -16.07 11.04
N LEU C 47 -8.00 -16.36 9.76
CA LEU C 47 -7.50 -15.33 8.84
C LEU C 47 -8.46 -14.16 8.78
N LEU C 48 -7.94 -12.96 8.98
CA LEU C 48 -8.75 -11.76 9.11
C LEU C 48 -8.75 -10.92 7.83
N ILE C 49 -7.57 -10.47 7.40
CA ILE C 49 -7.42 -9.64 6.21
C ILE C 49 -6.18 -10.09 5.45
N TYR C 50 -6.32 -10.38 4.16
CA TYR C 50 -5.17 -10.67 3.33
C TYR C 50 -4.64 -9.36 2.75
N ASP C 51 -3.53 -9.44 2.01
CA ASP C 51 -2.86 -8.27 1.46
C ASP C 51 -2.61 -7.21 2.52
N THR C 52 -3.37 -6.13 2.51
CA THR C 52 -3.31 -5.17 3.60
C THR C 52 -4.68 -4.70 4.10
N SER C 53 -5.71 -4.66 3.26
CA SER C 53 -6.98 -4.08 3.68
C SER C 53 -8.23 -4.79 3.14
N THR C 54 -8.09 -5.90 2.41
CA THR C 54 -9.24 -6.59 1.83
C THR C 54 -9.69 -7.71 2.75
N ARG C 55 -10.92 -7.62 3.23
CA ARG C 55 -11.42 -8.55 4.24
C ARG C 55 -11.43 -9.98 3.72
N ALA C 56 -11.26 -10.92 4.64
CA ALA C 56 -11.24 -12.34 4.30
C ALA C 56 -12.68 -12.83 4.09
N THR C 57 -12.84 -14.14 3.93
CA THR C 57 -14.15 -14.73 3.66
C THR C 57 -14.94 -14.84 4.96
N GLY C 58 -16.07 -14.14 5.03
CA GLY C 58 -16.95 -14.20 6.19
C GLY C 58 -16.58 -13.27 7.33
N ILE C 59 -15.47 -12.54 7.21
CA ILE C 59 -15.06 -11.63 8.29
C ILE C 59 -16.03 -10.45 8.33
N PRO C 60 -16.46 -10.00 9.52
CA PRO C 60 -17.46 -8.94 9.60
C PRO C 60 -16.95 -7.62 9.04
N ASP C 61 -17.89 -6.67 8.89
CA ASP C 61 -17.60 -5.42 8.22
C ASP C 61 -16.71 -4.50 9.06
N ARG C 62 -16.77 -4.62 10.39
CA ARG C 62 -16.05 -3.70 11.25
C ARG C 62 -14.53 -3.86 11.16
N PHE C 63 -14.04 -5.01 10.70
CA PHE C 63 -12.61 -5.22 10.57
C PHE C 63 -12.11 -4.60 9.27
N SER C 64 -11.07 -3.76 9.37
CA SER C 64 -10.52 -3.08 8.21
C SER C 64 -9.07 -2.72 8.48
N GLY C 65 -8.23 -2.94 7.47
CA GLY C 65 -6.82 -2.59 7.55
C GLY C 65 -6.49 -1.31 6.80
N SER C 66 -5.25 -0.87 6.95
CA SER C 66 -4.78 0.33 6.29
C SER C 66 -3.26 0.28 6.19
N GLY C 67 -2.73 1.13 5.32
CA GLY C 67 -1.28 1.23 5.15
C GLY C 67 -0.82 2.65 4.86
N SER C 68 0.11 3.14 5.67
CA SER C 68 0.64 4.49 5.48
C SER C 68 2.08 4.49 5.99
N GLY C 69 3.03 4.61 5.07
CA GLY C 69 4.42 4.53 5.48
C GLY C 69 4.77 3.12 5.96
N THR C 70 5.81 3.07 6.80
CA THR C 70 6.27 1.79 7.32
C THR C 70 5.29 1.16 8.30
N ASP C 71 4.36 1.94 8.85
CA ASP C 71 3.42 1.45 9.84
C ASP C 71 2.10 1.10 9.17
N PHE C 72 1.59 -0.08 9.48
CA PHE C 72 0.26 -0.51 9.07
C PHE C 72 -0.68 -0.46 10.28
N THR C 73 -1.99 -0.53 9.99
CA THR C 73 -2.97 -0.35 11.04
C THR C 73 -4.18 -1.24 10.83
N LEU C 74 -4.52 -2.02 11.85
CA LEU C 74 -5.78 -2.74 11.93
C LEU C 74 -6.74 -1.97 12.82
N THR C 75 -7.91 -1.61 12.28
CA THR C 75 -8.86 -0.76 12.97
C THR C 75 -10.17 -1.52 13.18
N ILE C 76 -10.65 -1.54 14.42
CA ILE C 76 -11.94 -2.10 14.77
C ILE C 76 -12.83 -0.95 15.24
N SER C 77 -13.92 -0.71 14.52
CA SER C 77 -14.78 0.43 14.82
C SER C 77 -15.50 0.22 16.15
N ARG C 78 -16.33 -0.82 16.24
CA ARG C 78 -17.07 -1.13 17.45
C ARG C 78 -16.60 -2.49 17.97
N LEU C 79 -15.88 -2.47 19.08
CA LEU C 79 -15.47 -3.71 19.72
C LEU C 79 -16.69 -4.45 20.28
N GLU C 80 -16.61 -5.77 20.29
CA GLU C 80 -17.65 -6.65 20.78
C GLU C 80 -17.02 -7.73 21.65
N PRO C 81 -17.81 -8.37 22.52
CA PRO C 81 -17.22 -9.36 23.44
C PRO C 81 -16.48 -10.49 22.75
N GLU C 82 -16.84 -10.79 21.50
CA GLU C 82 -16.11 -11.81 20.76
C GLU C 82 -14.71 -11.35 20.40
N ASP C 83 -14.54 -10.06 20.12
CA ASP C 83 -13.32 -9.54 19.52
C ASP C 83 -12.18 -9.32 20.52
N PHE C 84 -12.26 -9.89 21.73
CA PHE C 84 -11.20 -9.75 22.72
C PHE C 84 -10.31 -10.98 22.65
N ALA C 85 -9.17 -10.83 21.99
CA ALA C 85 -8.20 -11.92 21.82
C ALA C 85 -6.87 -11.31 21.42
N VAL C 86 -5.93 -12.16 21.01
CA VAL C 86 -4.61 -11.73 20.56
C VAL C 86 -4.61 -11.59 19.06
N TYR C 87 -4.01 -10.51 18.56
CA TYR C 87 -3.98 -10.21 17.13
C TYR C 87 -2.53 -10.20 16.64
N TYR C 88 -2.33 -10.71 15.43
CA TYR C 88 -1.00 -10.90 14.87
C TYR C 88 -0.92 -10.26 13.49
N CYS C 89 0.31 -10.17 12.98
CA CYS C 89 0.57 -9.67 11.64
C CYS C 89 1.80 -10.39 11.07
N GLN C 90 1.71 -10.78 9.81
CA GLN C 90 2.79 -11.49 9.13
C GLN C 90 3.27 -10.68 7.93
N HIS C 91 4.56 -10.80 7.61
CA HIS C 91 5.16 -10.01 6.55
C HIS C 91 6.08 -10.88 5.70
N TYR C 92 5.94 -10.77 4.38
CA TYR C 92 6.88 -11.36 3.45
C TYR C 92 6.88 -10.53 2.18
N ASP C 93 8.08 -10.25 1.66
CA ASP C 93 8.24 -9.36 0.50
C ASP C 93 9.40 -9.89 -0.33
N SER C 94 9.09 -10.38 -1.53
CA SER C 94 10.09 -10.81 -2.52
C SER C 94 11.04 -11.86 -1.94
N SER C 95 10.67 -12.49 -0.84
CA SER C 95 11.51 -13.48 -0.19
C SER C 95 10.62 -14.47 0.54
N PRO C 96 11.02 -15.74 0.63
CA PRO C 96 10.19 -16.76 1.27
C PRO C 96 9.81 -16.43 2.71
N PRO C 97 10.75 -16.00 3.57
CA PRO C 97 10.45 -16.02 5.02
C PRO C 97 9.25 -15.18 5.41
N TRP C 98 8.47 -15.72 6.34
CA TRP C 98 7.34 -15.02 6.95
C TRP C 98 7.79 -14.51 8.32
N THR C 99 7.76 -13.19 8.48
CA THR C 99 8.05 -12.56 9.78
C THR C 99 6.73 -12.23 10.45
N PHE C 100 6.54 -12.72 11.66
CA PHE C 100 5.28 -12.58 12.36
C PHE C 100 5.37 -11.49 13.44
N GLY C 101 4.20 -11.04 13.89
CA GLY C 101 4.13 -10.03 14.92
C GLY C 101 4.35 -10.61 16.30
N GLN C 102 4.60 -9.71 17.26
CA GLN C 102 4.92 -10.09 18.62
C GLN C 102 3.71 -10.00 19.55
N GLY C 103 2.51 -9.94 18.99
CA GLY C 103 1.31 -10.08 19.78
C GLY C 103 0.66 -8.75 20.12
N THR C 104 -0.67 -8.79 20.26
CA THR C 104 -1.44 -7.64 20.73
C THR C 104 -2.73 -8.19 21.34
N LYS C 105 -2.78 -8.25 22.67
CA LYS C 105 -3.96 -8.73 23.37
C LYS C 105 -4.85 -7.56 23.76
N VAL C 106 -6.13 -7.66 23.42
CA VAL C 106 -7.11 -6.65 23.77
C VAL C 106 -7.99 -7.22 24.87
N GLU C 107 -7.89 -6.63 26.07
CA GLU C 107 -8.63 -7.08 27.23
C GLU C 107 -9.65 -6.03 27.66
N ILE C 108 -10.62 -6.47 28.46
CA ILE C 108 -11.64 -5.57 28.98
C ILE C 108 -11.07 -4.76 30.13
N LYS C 109 -11.39 -3.48 30.16
CA LYS C 109 -10.92 -2.57 31.20
C LYS C 109 -11.98 -2.39 32.27
N ARG C 110 -11.53 -2.26 33.52
CA ARG C 110 -12.41 -2.01 34.65
C ARG C 110 -11.59 -1.37 35.77
N THR C 111 -12.25 -1.16 36.91
CA THR C 111 -11.58 -0.52 38.04
C THR C 111 -10.59 -1.48 38.69
N VAL C 112 -9.41 -0.95 39.03
CA VAL C 112 -8.35 -1.76 39.61
C VAL C 112 -8.83 -2.38 40.91
N ALA C 113 -8.80 -3.71 40.99
CA ALA C 113 -9.21 -4.44 42.18
C ALA C 113 -8.04 -5.29 42.67
N ALA C 114 -7.70 -5.13 43.95
CA ALA C 114 -6.58 -5.86 44.53
C ALA C 114 -6.95 -7.33 44.73
N PRO C 115 -5.97 -8.23 44.65
CA PRO C 115 -6.24 -9.65 44.89
C PRO C 115 -6.40 -9.95 46.38
N SER C 116 -7.08 -11.07 46.64
CA SER C 116 -7.17 -11.63 47.99
C SER C 116 -6.20 -12.81 48.04
N VAL C 117 -5.07 -12.60 48.71
CA VAL C 117 -3.99 -13.59 48.71
C VAL C 117 -4.34 -14.72 49.66
N PHE C 118 -4.16 -15.96 49.19
CA PHE C 118 -4.32 -17.16 49.99
C PHE C 118 -3.10 -18.05 49.79
N ILE C 119 -2.64 -18.68 50.87
CA ILE C 119 -1.51 -19.59 50.82
C ILE C 119 -1.96 -20.94 51.37
N PHE C 120 -1.58 -22.01 50.68
CA PHE C 120 -1.98 -23.36 51.04
C PHE C 120 -0.76 -24.19 51.37
N PRO C 121 -0.63 -24.70 52.59
CA PRO C 121 0.53 -25.54 52.94
C PRO C 121 0.46 -26.86 52.23
N PRO C 122 1.60 -27.54 52.04
CA PRO C 122 1.56 -28.88 51.44
C PRO C 122 0.77 -29.82 52.32
N SER C 123 -0.08 -30.63 51.69
CA SER C 123 -0.92 -31.57 52.43
C SER C 123 -0.04 -32.60 53.14
N ASP C 124 -0.36 -32.84 54.41
CA ASP C 124 0.43 -33.79 55.20
C ASP C 124 0.41 -35.19 54.59
N GLU C 125 -0.60 -35.50 53.78
CA GLU C 125 -0.61 -36.77 53.07
C GLU C 125 0.49 -36.81 52.00
N GLN C 126 0.75 -35.67 51.34
CA GLN C 126 1.71 -35.66 50.24
C GLN C 126 3.13 -35.88 50.74
N LEU C 127 3.48 -35.35 51.91
CA LEU C 127 4.85 -35.47 52.40
C LEU C 127 5.26 -36.92 52.65
N LYS C 128 4.30 -37.83 52.83
CA LYS C 128 4.64 -39.23 52.99
C LYS C 128 5.17 -39.83 51.69
N SER C 129 4.93 -39.19 50.55
CA SER C 129 5.44 -39.68 49.28
C SER C 129 6.87 -39.23 49.03
N GLY C 130 7.22 -38.01 49.40
CA GLY C 130 8.58 -37.54 49.26
C GLY C 130 8.75 -36.23 48.54
N THR C 131 7.65 -35.51 48.33
CA THR C 131 7.68 -34.21 47.69
C THR C 131 6.72 -33.26 48.40
N ALA C 132 7.07 -31.98 48.41
CA ALA C 132 6.26 -30.95 49.05
C ALA C 132 6.04 -29.81 48.07
N SER C 133 4.77 -29.43 47.89
CA SER C 133 4.41 -28.35 46.97
C SER C 133 3.53 -27.37 47.72
N VAL C 134 4.03 -26.14 47.88
CA VAL C 134 3.28 -25.07 48.54
C VAL C 134 2.58 -24.25 47.47
N VAL C 135 1.30 -23.93 47.71
CA VAL C 135 0.47 -23.24 46.75
C VAL C 135 0.09 -21.88 47.35
N CYS C 136 0.39 -20.81 46.62
CA CYS C 136 0.05 -19.45 47.00
C CYS C 136 -0.92 -18.92 45.93
N LEU C 137 -2.15 -18.64 46.35
CA LEU C 137 -3.25 -18.36 45.42
C LEU C 137 -3.63 -16.88 45.47
N LEU C 138 -3.72 -16.27 44.29
CA LEU C 138 -4.27 -14.93 44.13
C LEU C 138 -5.59 -15.02 43.39
N ASN C 139 -6.60 -14.28 43.87
CA ASN C 139 -7.97 -14.48 43.41
C ASN C 139 -8.60 -13.14 43.00
N ASN C 140 -9.12 -13.10 41.78
CA ASN C 140 -10.03 -12.04 41.31
C ASN C 140 -9.40 -10.64 41.44
N PHE C 141 -8.35 -10.44 40.66
CA PHE C 141 -7.64 -9.17 40.63
C PHE C 141 -7.55 -8.65 39.20
N TYR C 142 -7.12 -7.39 39.08
CA TYR C 142 -6.96 -6.68 37.82
C TYR C 142 -6.13 -5.44 38.11
N PRO C 143 -5.13 -5.11 37.28
CA PRO C 143 -4.74 -5.78 36.03
C PRO C 143 -3.92 -7.05 36.23
N ARG C 144 -3.56 -7.70 35.13
CA ARG C 144 -2.83 -8.96 35.20
C ARG C 144 -1.45 -8.79 35.82
N GLU C 145 -0.79 -7.67 35.58
CA GLU C 145 0.59 -7.49 35.98
C GLU C 145 0.77 -7.55 37.49
N ALA C 146 1.36 -8.64 37.98
CA ALA C 146 1.59 -8.83 39.40
C ALA C 146 2.79 -9.77 39.57
N LYS C 147 3.50 -9.58 40.68
CA LYS C 147 4.71 -10.36 40.98
C LYS C 147 4.54 -11.07 42.30
N VAL C 148 4.91 -12.36 42.32
CA VAL C 148 4.86 -13.17 43.53
C VAL C 148 6.25 -13.72 43.78
N GLN C 149 6.81 -13.41 44.96
CA GLN C 149 8.13 -13.87 45.36
C GLN C 149 8.00 -14.76 46.58
N TRP C 150 8.55 -15.98 46.50
CA TRP C 150 8.50 -16.91 47.60
C TRP C 150 9.57 -16.55 48.64
N LYS C 151 9.16 -16.48 49.90
CA LYS C 151 10.06 -16.17 51.00
C LYS C 151 10.10 -17.37 51.95
N VAL C 152 11.17 -18.15 51.86
CA VAL C 152 11.39 -19.30 52.73
C VAL C 152 12.40 -18.88 53.80
N ASP C 153 11.90 -18.64 55.02
CA ASP C 153 12.73 -18.17 56.13
C ASP C 153 13.42 -16.86 55.78
N ASN C 154 12.64 -15.90 55.28
CA ASN C 154 13.13 -14.57 54.89
C ASN C 154 14.24 -14.65 53.85
N ALA C 155 14.22 -15.69 53.02
CA ALA C 155 15.19 -15.87 51.95
C ALA C 155 14.46 -15.92 50.61
N LEU C 156 14.90 -15.10 49.67
CA LEU C 156 14.28 -15.03 48.35
C LEU C 156 14.64 -16.29 47.57
N GLN C 157 13.63 -17.13 47.30
CA GLN C 157 13.82 -18.37 46.56
C GLN C 157 13.38 -18.15 45.12
N SER C 158 14.31 -18.36 44.18
CA SER C 158 14.03 -18.22 42.75
C SER C 158 14.75 -19.35 42.02
N GLY C 159 14.00 -20.18 41.31
CA GLY C 159 14.58 -21.28 40.58
C GLY C 159 13.83 -22.59 40.78
N ASN C 160 12.75 -22.55 41.56
CA ASN C 160 11.94 -23.74 41.81
C ASN C 160 10.44 -23.45 41.79
N SER C 161 10.03 -22.24 41.45
CA SER C 161 8.64 -21.85 41.46
C SER C 161 8.14 -21.61 40.04
N GLN C 162 6.93 -22.10 39.75
CA GLN C 162 6.29 -21.93 38.45
C GLN C 162 4.88 -21.42 38.66
N GLU C 163 4.49 -20.40 37.90
CA GLU C 163 3.19 -19.76 38.02
C GLU C 163 2.29 -20.14 36.86
N SER C 164 1.00 -19.85 37.03
CA SER C 164 0.00 -20.11 36.00
C SER C 164 -1.16 -19.15 36.19
N VAL C 165 -1.44 -18.34 35.18
CA VAL C 165 -2.49 -17.32 35.23
C VAL C 165 -3.64 -17.76 34.33
N THR C 166 -4.84 -17.77 34.87
CA THR C 166 -6.03 -18.11 34.10
C THR C 166 -6.45 -16.93 33.23
N GLU C 167 -7.18 -17.26 32.16
CA GLU C 167 -7.68 -16.23 31.26
C GLU C 167 -8.73 -15.38 31.94
N GLN C 168 -9.05 -14.24 31.32
CA GLN C 168 -9.93 -13.26 31.95
C GLN C 168 -11.32 -13.85 32.16
N ASP C 169 -11.96 -13.45 33.27
CA ASP C 169 -13.26 -13.96 33.63
C ASP C 169 -14.32 -13.47 32.64
N SER C 170 -15.38 -14.27 32.52
CA SER C 170 -16.51 -13.94 31.66
C SER C 170 -17.62 -13.19 32.38
N LYS C 171 -17.44 -12.92 33.68
CA LYS C 171 -18.45 -12.23 34.47
C LYS C 171 -17.99 -10.85 34.92
N ASP C 172 -16.85 -10.77 35.61
CA ASP C 172 -16.36 -9.49 36.12
C ASP C 172 -15.01 -9.10 35.51
N SER C 173 -14.50 -9.88 34.56
CA SER C 173 -13.24 -9.59 33.87
C SER C 173 -12.09 -9.48 34.87
N THR C 174 -11.83 -10.59 35.56
CA THR C 174 -10.76 -10.68 36.54
C THR C 174 -9.85 -11.85 36.20
N TYR C 175 -8.63 -11.81 36.74
CA TYR C 175 -7.63 -12.85 36.58
C TYR C 175 -7.42 -13.59 37.89
N SER C 176 -6.51 -14.57 37.86
CA SER C 176 -6.09 -15.27 39.05
C SER C 176 -4.69 -15.84 38.80
N LEU C 177 -3.99 -16.13 39.89
CA LEU C 177 -2.64 -16.65 39.82
C LEU C 177 -2.41 -17.62 40.97
N SER C 178 -1.63 -18.67 40.70
CA SER C 178 -1.32 -19.70 41.71
C SER C 178 0.13 -20.11 41.52
N SER C 179 1.01 -19.62 42.39
CA SER C 179 2.41 -20.00 42.37
C SER C 179 2.62 -21.30 43.13
N THR C 180 3.43 -22.18 42.56
CA THR C 180 3.70 -23.50 43.14
C THR C 180 5.19 -23.60 43.43
N LEU C 181 5.52 -23.88 44.69
CA LEU C 181 6.90 -24.03 45.13
C LEU C 181 7.15 -25.51 45.41
N THR C 182 7.91 -26.17 44.54
CA THR C 182 8.16 -27.59 44.65
C THR C 182 9.47 -27.83 45.38
N LEU C 183 9.40 -28.51 46.53
CA LEU C 183 10.55 -28.82 47.34
C LEU C 183 10.50 -30.27 47.80
N SER C 184 11.68 -30.87 47.97
CA SER C 184 11.77 -32.22 48.49
C SER C 184 11.43 -32.22 49.98
N LYS C 185 11.03 -33.40 50.47
CA LYS C 185 10.62 -33.52 51.87
C LYS C 185 11.75 -33.18 52.83
N ALA C 186 12.95 -33.68 52.56
CA ALA C 186 14.08 -33.43 53.46
C ALA C 186 14.39 -31.94 53.54
N ASP C 187 14.36 -31.25 52.40
CA ASP C 187 14.62 -29.82 52.38
C ASP C 187 13.45 -29.00 52.90
N TYR C 188 12.23 -29.55 52.89
CA TYR C 188 11.07 -28.77 53.32
C TYR C 188 11.06 -28.56 54.82
N GLU C 189 11.02 -29.66 55.58
CA GLU C 189 10.96 -29.54 57.03
C GLU C 189 12.24 -28.98 57.64
N LYS C 190 13.32 -28.89 56.86
CA LYS C 190 14.54 -28.26 57.36
C LYS C 190 14.39 -26.76 57.56
N HIS C 191 13.36 -26.16 57.00
CA HIS C 191 13.05 -24.74 57.18
C HIS C 191 11.85 -24.58 58.11
N LYS C 192 11.58 -23.32 58.48
CA LYS C 192 10.58 -23.02 59.49
C LYS C 192 9.38 -22.25 58.94
N VAL C 193 9.63 -21.03 58.45
CA VAL C 193 8.52 -20.14 58.04
C VAL C 193 8.48 -20.02 56.52
N TYR C 194 7.29 -20.10 55.93
CA TYR C 194 7.10 -19.99 54.46
C TYR C 194 6.07 -18.88 54.19
N ALA C 195 6.20 -18.19 53.06
CA ALA C 195 5.29 -17.12 52.70
C ALA C 195 5.45 -16.81 51.22
N CYS C 196 4.62 -15.89 50.72
CA CYS C 196 4.72 -15.44 49.34
C CYS C 196 4.40 -13.95 49.31
N GLU C 197 5.39 -13.13 48.95
CA GLU C 197 5.21 -11.69 48.86
C GLU C 197 4.45 -11.35 47.57
N VAL C 198 3.40 -10.56 47.69
CA VAL C 198 2.54 -10.21 46.56
C VAL C 198 2.58 -8.70 46.38
N THR C 199 2.92 -8.27 45.17
CA THR C 199 2.97 -6.86 44.81
C THR C 199 2.02 -6.61 43.65
N HIS C 200 1.05 -5.73 43.85
CA HIS C 200 0.03 -5.45 42.85
C HIS C 200 -0.23 -3.95 42.80
N GLN C 201 -0.87 -3.52 41.72
CA GLN C 201 -1.15 -2.09 41.52
C GLN C 201 -2.13 -1.57 42.56
N GLY C 202 -3.10 -2.38 42.96
CA GLY C 202 -4.15 -1.94 43.86
C GLY C 202 -3.87 -2.18 45.33
N LEU C 203 -2.59 -2.35 45.68
CA LEU C 203 -2.18 -2.61 47.06
C LEU C 203 -1.42 -1.40 47.59
N SER C 204 -1.91 -0.84 48.70
CA SER C 204 -1.20 0.25 49.35
C SER C 204 0.08 -0.22 50.03
N SER C 205 0.16 -1.52 50.37
CA SER C 205 1.34 -2.11 50.97
C SER C 205 1.40 -3.56 50.48
N PRO C 206 2.57 -4.03 50.04
CA PRO C 206 2.68 -5.42 49.57
C PRO C 206 2.31 -6.40 50.67
N VAL C 207 1.29 -7.20 50.39
CA VAL C 207 0.75 -8.16 51.36
C VAL C 207 1.54 -9.45 51.29
N THR C 208 1.69 -10.10 52.44
CA THR C 208 2.39 -11.38 52.54
C THR C 208 1.63 -12.28 53.51
N LYS C 209 1.24 -13.46 53.03
CA LYS C 209 0.57 -14.47 53.85
C LYS C 209 1.60 -15.51 54.24
N SER C 210 1.88 -15.62 55.54
CA SER C 210 2.93 -16.48 56.06
C SER C 210 2.35 -17.58 56.94
N PHE C 211 3.11 -18.67 57.05
CA PHE C 211 2.73 -19.79 57.89
C PHE C 211 3.98 -20.54 58.32
N ASN C 212 4.01 -20.93 59.59
CA ASN C 212 5.15 -21.66 60.14
C ASN C 212 5.03 -23.15 59.82
N ARG C 213 6.07 -23.89 60.19
CA ARG C 213 6.17 -25.31 59.83
C ARG C 213 5.19 -26.12 60.67
N GLY C 214 4.01 -26.39 60.10
CA GLY C 214 3.03 -27.26 60.71
C GLY C 214 2.49 -26.80 62.05
N GLU C 215 2.12 -25.52 62.14
CA GLU C 215 1.59 -24.97 63.38
C GLU C 215 0.34 -24.14 63.12
#